data_2MQ3
#
_entry.id   2MQ3
#
_cell.length_a   1.000
_cell.length_b   1.000
_cell.length_c   1.000
_cell.angle_alpha   90.00
_cell.angle_beta   90.00
_cell.angle_gamma   90.00
#
_symmetry.space_group_name_H-M   'P 1'
#
_entity_poly.entity_id   1
_entity_poly.type   'polypeptide(L)'
_entity_poly.pdbx_seq_one_letter_code
;GSHMPVLITRPLEDQLVMVGQRVEFECEVSEEGAQVKWLKDGVELTREETFKYWFKKDGQRHHLIINEAMLEDAGHYALC
TSGGQALAELIVQEK
;
_entity_poly.pdbx_strand_id   A
#
# COMPACT_ATOMS: atom_id res chain seq x y z
N GLY A 1 23.76 10.99 12.02
CA GLY A 1 24.20 11.42 10.68
C GLY A 1 23.34 12.53 10.14
N SER A 2 23.17 12.57 8.83
CA SER A 2 22.31 13.57 8.21
C SER A 2 20.85 13.22 8.45
N HIS A 3 20.06 14.23 8.79
CA HIS A 3 18.65 14.01 9.06
C HIS A 3 17.82 14.13 7.79
N MET A 4 18.14 13.27 6.82
CA MET A 4 17.40 13.23 5.58
C MET A 4 16.43 12.06 5.62
N PRO A 5 15.13 12.35 5.77
CA PRO A 5 14.09 11.32 5.83
C PRO A 5 13.87 10.66 4.48
N VAL A 6 13.67 9.35 4.51
CA VAL A 6 13.38 8.62 3.29
C VAL A 6 12.03 9.04 2.74
N LEU A 7 12.04 9.64 1.56
CA LEU A 7 10.83 10.20 0.98
C LEU A 7 9.97 9.11 0.36
N ILE A 8 8.66 9.27 0.48
CA ILE A 8 7.73 8.35 -0.14
C ILE A 8 7.29 8.91 -1.50
N THR A 9 7.72 8.26 -2.56
CA THR A 9 7.45 8.74 -3.91
C THR A 9 5.97 8.65 -4.25
N ARG A 10 5.35 7.56 -3.86
CA ARG A 10 3.95 7.32 -4.19
C ARG A 10 3.11 7.28 -2.93
N PRO A 11 2.12 8.16 -2.81
CA PRO A 11 1.12 8.07 -1.75
C PRO A 11 0.10 6.97 -2.06
N LEU A 12 -0.67 6.58 -1.07
CA LEU A 12 -1.66 5.53 -1.27
C LEU A 12 -2.90 6.12 -1.94
N GLU A 13 -3.57 5.30 -2.73
CA GLU A 13 -4.74 5.71 -3.49
C GLU A 13 -5.81 6.35 -2.60
N ASP A 14 -6.11 7.61 -2.91
CA ASP A 14 -7.04 8.43 -2.14
C ASP A 14 -8.47 8.32 -2.68
N GLN A 15 -8.64 7.73 -3.85
CA GLN A 15 -9.93 7.74 -4.51
C GLN A 15 -10.78 6.55 -4.08
N LEU A 16 -12.09 6.70 -4.19
CA LEU A 16 -13.03 5.72 -3.70
C LEU A 16 -13.29 4.69 -4.80
N VAL A 17 -13.30 3.42 -4.42
CA VAL A 17 -13.49 2.34 -5.38
C VAL A 17 -14.70 1.50 -5.04
N MET A 18 -15.01 0.54 -5.88
CA MET A 18 -16.19 -0.28 -5.70
C MET A 18 -15.81 -1.76 -5.58
N VAL A 19 -16.65 -2.50 -4.87
CA VAL A 19 -16.45 -3.94 -4.69
C VAL A 19 -16.48 -4.68 -6.02
N GLY A 20 -15.60 -5.65 -6.17
CA GLY A 20 -15.62 -6.51 -7.34
C GLY A 20 -14.59 -6.15 -8.40
N GLN A 21 -14.06 -4.93 -8.36
CA GLN A 21 -13.07 -4.54 -9.36
C GLN A 21 -11.65 -4.78 -8.85
N ARG A 22 -10.73 -4.94 -9.79
CA ARG A 22 -9.33 -5.18 -9.46
C ARG A 22 -8.60 -3.84 -9.31
N VAL A 23 -8.11 -3.58 -8.11
CA VAL A 23 -7.49 -2.30 -7.81
C VAL A 23 -6.00 -2.48 -7.54
N GLU A 24 -5.19 -1.71 -8.25
CA GLU A 24 -3.75 -1.75 -8.09
C GLU A 24 -3.27 -0.54 -7.31
N PHE A 25 -2.57 -0.79 -6.22
CA PHE A 25 -2.08 0.28 -5.36
C PHE A 25 -0.57 0.41 -5.53
N GLU A 26 -0.09 1.63 -5.65
CA GLU A 26 1.33 1.85 -5.83
C GLU A 26 1.88 2.78 -4.77
N CYS A 27 2.82 2.27 -3.98
CA CYS A 27 3.48 3.06 -2.97
C CYS A 27 4.94 2.65 -2.88
N GLU A 28 5.84 3.55 -3.26
CA GLU A 28 7.26 3.25 -3.28
C GLU A 28 8.05 4.37 -2.63
N VAL A 29 9.30 4.09 -2.34
CA VAL A 29 10.18 5.05 -1.69
C VAL A 29 11.11 5.70 -2.72
N SER A 30 11.65 6.86 -2.36
CA SER A 30 12.48 7.63 -3.27
C SER A 30 13.91 7.10 -3.29
N GLU A 31 14.18 6.08 -2.49
CA GLU A 31 15.51 5.49 -2.44
C GLU A 31 15.39 3.97 -2.48
N GLU A 32 16.20 3.34 -3.32
CA GLU A 32 16.09 1.90 -3.54
C GLU A 32 16.73 1.09 -2.43
N GLY A 33 16.23 -0.12 -2.23
CA GLY A 33 16.76 -1.00 -1.22
C GLY A 33 15.99 -0.94 0.08
N ALA A 34 15.21 0.13 0.23
CA ALA A 34 14.45 0.35 1.45
C ALA A 34 13.15 -0.45 1.46
N GLN A 35 12.90 -1.12 2.57
CA GLN A 35 11.69 -1.90 2.75
C GLN A 35 10.72 -1.16 3.67
N VAL A 36 9.47 -1.60 3.68
CA VAL A 36 8.43 -0.91 4.44
C VAL A 36 7.53 -1.91 5.17
N LYS A 37 6.64 -1.39 6.00
CA LYS A 37 5.65 -2.21 6.66
C LYS A 37 4.25 -1.79 6.22
N TRP A 38 3.38 -2.77 6.02
CA TRP A 38 2.02 -2.49 5.61
C TRP A 38 1.08 -2.53 6.82
N LEU A 39 0.37 -1.45 7.03
CA LEU A 39 -0.60 -1.36 8.10
C LEU A 39 -1.99 -1.20 7.52
N LYS A 40 -2.86 -2.15 7.80
CA LYS A 40 -4.18 -2.16 7.22
C LYS A 40 -5.26 -2.11 8.30
N ASP A 41 -5.98 -1.01 8.33
CA ASP A 41 -7.14 -0.84 9.21
C ASP A 41 -6.77 -1.10 10.68
N GLY A 42 -5.58 -0.66 11.06
CA GLY A 42 -5.14 -0.82 12.43
C GLY A 42 -4.50 -2.18 12.69
N VAL A 43 -4.52 -3.04 11.68
CA VAL A 43 -3.96 -4.37 11.80
C VAL A 43 -2.62 -4.45 11.08
N GLU A 44 -1.62 -4.99 11.76
CA GLU A 44 -0.30 -5.17 11.17
C GLU A 44 -0.28 -6.45 10.35
N LEU A 45 -0.13 -6.30 9.04
CA LEU A 45 -0.17 -7.44 8.13
C LEU A 45 1.05 -8.33 8.32
N THR A 46 0.93 -9.57 7.85
CA THR A 46 2.01 -10.54 7.95
C THR A 46 2.89 -10.45 6.70
N ARG A 47 4.15 -10.86 6.84
CA ARG A 47 5.10 -10.79 5.74
C ARG A 47 4.88 -11.95 4.77
N GLU A 48 3.84 -11.83 3.95
CA GLU A 48 3.53 -12.82 2.93
C GLU A 48 2.34 -12.36 2.10
N GLU A 49 2.32 -12.72 0.83
CA GLU A 49 1.21 -12.38 -0.04
C GLU A 49 0.33 -13.61 -0.28
N THR A 50 -0.81 -13.37 -0.91
CA THR A 50 -1.75 -14.44 -1.20
C THR A 50 -2.50 -14.12 -2.49
N PHE A 51 -3.44 -14.98 -2.88
CA PHE A 51 -4.17 -14.80 -4.12
C PHE A 51 -5.27 -13.75 -3.98
N LYS A 52 -5.43 -13.23 -2.77
CA LYS A 52 -6.34 -12.12 -2.52
C LYS A 52 -5.66 -10.81 -2.89
N TYR A 53 -4.45 -10.64 -2.37
CA TYR A 53 -3.67 -9.44 -2.61
C TYR A 53 -2.19 -9.78 -2.54
N TRP A 54 -1.40 -9.17 -3.41
CA TRP A 54 0.02 -9.44 -3.44
C TRP A 54 0.80 -8.16 -3.69
N PHE A 55 2.02 -8.11 -3.19
CA PHE A 55 2.88 -6.96 -3.39
C PHE A 55 4.20 -7.39 -3.99
N LYS A 56 4.70 -6.60 -4.94
CA LYS A 56 5.97 -6.90 -5.58
C LYS A 56 6.99 -5.82 -5.29
N LYS A 57 8.24 -6.25 -5.16
CA LYS A 57 9.35 -5.34 -4.95
C LYS A 57 10.19 -5.23 -6.22
N ASP A 58 10.67 -4.03 -6.50
CA ASP A 58 11.65 -3.83 -7.56
C ASP A 58 12.55 -2.66 -7.23
N GLY A 59 13.62 -2.93 -6.50
CA GLY A 59 14.55 -1.90 -6.10
C GLY A 59 13.96 -0.93 -5.10
N GLN A 60 13.32 0.11 -5.62
CA GLN A 60 12.71 1.14 -4.79
C GLN A 60 11.19 1.03 -4.81
N ARG A 61 10.66 0.49 -5.89
CA ARG A 61 9.23 0.51 -6.13
C ARG A 61 8.54 -0.69 -5.51
N HIS A 62 7.34 -0.46 -4.99
CA HIS A 62 6.54 -1.50 -4.37
C HIS A 62 5.10 -1.39 -4.86
N HIS A 63 4.55 -2.47 -5.37
CA HIS A 63 3.19 -2.45 -5.92
C HIS A 63 2.32 -3.44 -5.19
N LEU A 64 1.18 -2.98 -4.68
CA LEU A 64 0.24 -3.84 -3.99
C LEU A 64 -1.03 -4.00 -4.84
N ILE A 65 -1.21 -5.17 -5.41
CA ILE A 65 -2.34 -5.41 -6.28
C ILE A 65 -3.40 -6.26 -5.59
N ILE A 66 -4.61 -5.74 -5.52
CA ILE A 66 -5.73 -6.48 -4.97
C ILE A 66 -6.64 -6.95 -6.10
N ASN A 67 -6.84 -8.26 -6.18
CA ASN A 67 -7.56 -8.86 -7.30
C ASN A 67 -9.02 -8.45 -7.34
N GLU A 68 -9.67 -8.42 -6.18
CA GLU A 68 -11.06 -7.96 -6.08
C GLU A 68 -11.25 -7.14 -4.82
N ALA A 69 -11.57 -5.86 -4.99
CA ALA A 69 -11.88 -5.00 -3.87
C ALA A 69 -13.12 -5.52 -3.14
N MET A 70 -12.97 -5.78 -1.85
CA MET A 70 -14.05 -6.32 -1.04
C MET A 70 -14.17 -5.53 0.26
N LEU A 71 -15.22 -5.80 1.03
CA LEU A 71 -15.40 -5.15 2.33
C LEU A 71 -14.20 -5.37 3.24
N GLU A 72 -13.56 -6.52 3.08
CA GLU A 72 -12.35 -6.85 3.84
C GLU A 72 -11.25 -5.82 3.56
N ASP A 73 -11.20 -5.38 2.31
CA ASP A 73 -10.14 -4.51 1.82
C ASP A 73 -10.46 -3.05 2.08
N ALA A 74 -11.72 -2.79 2.44
CA ALA A 74 -12.21 -1.43 2.66
C ALA A 74 -11.58 -0.73 3.88
N GLY A 75 -10.58 -1.37 4.48
CA GLY A 75 -9.90 -0.78 5.61
C GLY A 75 -8.89 0.28 5.19
N HIS A 76 -8.44 1.08 6.14
CA HIS A 76 -7.45 2.12 5.87
C HIS A 76 -6.08 1.50 5.58
N TYR A 77 -5.27 2.19 4.78
CA TYR A 77 -3.96 1.67 4.43
C TYR A 77 -2.85 2.67 4.77
N ALA A 78 -1.88 2.21 5.55
CA ALA A 78 -0.76 3.04 5.91
C ALA A 78 0.55 2.31 5.62
N LEU A 79 1.50 3.02 5.04
CA LEU A 79 2.80 2.46 4.72
C LEU A 79 3.86 3.04 5.65
N CYS A 80 4.33 2.21 6.57
CA CYS A 80 5.25 2.67 7.61
C CYS A 80 6.70 2.55 7.16
N THR A 81 7.36 3.70 7.02
CA THR A 81 8.78 3.75 6.72
C THR A 81 9.52 4.46 7.86
N SER A 82 10.82 4.22 7.99
CA SER A 82 11.62 4.86 9.02
C SER A 82 11.77 6.36 8.77
N GLY A 83 11.68 6.75 7.50
CA GLY A 83 11.75 8.16 7.15
C GLY A 83 10.41 8.83 7.20
N GLY A 84 9.70 8.83 6.08
CA GLY A 84 8.35 9.33 6.06
C GLY A 84 7.33 8.21 6.17
N GLN A 85 6.07 8.56 6.24
CA GLN A 85 5.02 7.56 6.31
C GLN A 85 3.83 8.00 5.47
N ALA A 86 3.39 7.15 4.57
CA ALA A 86 2.26 7.47 3.72
C ALA A 86 0.98 6.87 4.29
N LEU A 87 0.04 7.73 4.64
CA LEU A 87 -1.21 7.29 5.23
C LEU A 87 -2.36 7.76 4.34
N ALA A 88 -3.23 6.83 3.98
CA ALA A 88 -4.40 7.14 3.17
C ALA A 88 -5.54 6.21 3.52
N GLU A 89 -6.76 6.66 3.29
CA GLU A 89 -7.91 5.86 3.67
C GLU A 89 -8.76 5.54 2.45
N LEU A 90 -8.88 4.25 2.19
CA LEU A 90 -9.61 3.76 1.03
C LEU A 90 -11.02 3.39 1.44
N ILE A 91 -11.98 3.77 0.61
CA ILE A 91 -13.37 3.40 0.84
C ILE A 91 -13.86 2.53 -0.31
N VAL A 92 -14.13 1.27 0.00
CA VAL A 92 -14.64 0.34 -0.99
C VAL A 92 -16.15 0.18 -0.81
N GLN A 93 -16.92 0.78 -1.71
CA GLN A 93 -18.37 0.74 -1.60
C GLN A 93 -18.94 -0.48 -2.30
N GLU A 94 -20.08 -0.94 -1.80
CA GLU A 94 -20.66 -2.21 -2.20
C GLU A 94 -21.33 -2.13 -3.56
N LYS A 95 -21.56 -3.30 -4.14
CA LYS A 95 -22.30 -3.43 -5.38
C LYS A 95 -23.26 -4.60 -5.27
N GLY A 1 23.03 15.37 11.43
CA GLY A 1 22.29 14.40 10.59
C GLY A 1 23.21 13.50 9.80
N SER A 2 22.77 12.28 9.53
CA SER A 2 23.56 11.33 8.76
C SER A 2 22.89 11.04 7.43
N HIS A 3 21.58 10.83 7.48
CA HIS A 3 20.80 10.51 6.29
C HIS A 3 19.47 11.22 6.32
N MET A 4 18.86 11.39 5.16
CA MET A 4 17.57 12.05 5.06
C MET A 4 16.44 11.03 5.26
N PRO A 5 15.25 11.50 5.66
CA PRO A 5 14.08 10.62 5.78
C PRO A 5 13.66 10.05 4.43
N VAL A 6 13.06 8.88 4.44
CA VAL A 6 12.63 8.23 3.21
C VAL A 6 11.50 9.02 2.55
N LEU A 7 11.80 9.64 1.43
CA LEU A 7 10.83 10.44 0.70
C LEU A 7 9.90 9.54 -0.09
N ILE A 8 8.60 9.79 0.04
CA ILE A 8 7.59 9.01 -0.65
C ILE A 8 7.25 9.67 -1.99
N THR A 9 7.65 9.03 -3.07
CA THR A 9 7.45 9.59 -4.40
C THR A 9 6.02 9.36 -4.90
N ARG A 10 5.39 8.29 -4.43
CA ARG A 10 4.02 7.98 -4.82
C ARG A 10 3.13 7.79 -3.60
N PRO A 11 2.09 8.63 -3.46
CA PRO A 11 1.09 8.49 -2.41
C PRO A 11 0.11 7.36 -2.71
N LEU A 12 -0.68 6.97 -1.72
CA LEU A 12 -1.63 5.89 -1.89
C LEU A 12 -2.91 6.39 -2.57
N GLU A 13 -3.76 5.47 -2.97
CA GLU A 13 -4.98 5.80 -3.70
C GLU A 13 -5.99 6.51 -2.81
N ASP A 14 -6.34 7.72 -3.19
CA ASP A 14 -7.32 8.52 -2.46
C ASP A 14 -8.73 8.34 -3.02
N GLN A 15 -8.82 7.76 -4.20
CA GLN A 15 -10.11 7.67 -4.90
C GLN A 15 -10.83 6.37 -4.56
N LEU A 16 -12.13 6.38 -4.73
CA LEU A 16 -13.00 5.32 -4.26
C LEU A 16 -13.11 4.22 -5.32
N VAL A 17 -13.15 2.98 -4.86
CA VAL A 17 -13.25 1.83 -5.75
C VAL A 17 -14.43 0.95 -5.35
N MET A 18 -14.71 -0.07 -6.15
CA MET A 18 -15.82 -0.95 -5.88
C MET A 18 -15.40 -2.40 -6.02
N VAL A 19 -16.22 -3.30 -5.46
CA VAL A 19 -15.90 -4.72 -5.45
C VAL A 19 -15.89 -5.31 -6.86
N GLY A 20 -14.90 -6.15 -7.13
CA GLY A 20 -14.86 -6.86 -8.39
C GLY A 20 -13.89 -6.27 -9.41
N GLN A 21 -13.22 -5.18 -9.06
CA GLN A 21 -12.29 -4.55 -9.98
C GLN A 21 -10.88 -4.52 -9.38
N ARG A 22 -9.88 -4.38 -10.24
CA ARG A 22 -8.48 -4.43 -9.83
C ARG A 22 -7.98 -3.06 -9.40
N VAL A 23 -7.21 -3.04 -8.32
CA VAL A 23 -6.68 -1.79 -7.77
C VAL A 23 -5.16 -1.78 -7.86
N GLU A 24 -4.61 -0.67 -8.34
CA GLU A 24 -3.16 -0.52 -8.48
C GLU A 24 -2.63 0.46 -7.46
N PHE A 25 -1.69 0.02 -6.64
CA PHE A 25 -1.06 0.88 -5.66
C PHE A 25 0.36 1.20 -6.07
N GLU A 26 0.61 2.45 -6.42
CA GLU A 26 1.97 2.89 -6.69
C GLU A 26 2.54 3.58 -5.47
N CYS A 27 3.62 3.06 -4.95
CA CYS A 27 4.35 3.73 -3.89
C CYS A 27 5.83 3.48 -4.07
N GLU A 28 6.55 4.51 -4.47
CA GLU A 28 7.96 4.38 -4.75
C GLU A 28 8.74 5.20 -3.72
N VAL A 29 9.79 4.62 -3.19
CA VAL A 29 10.63 5.34 -2.25
C VAL A 29 11.81 5.93 -3.00
N SER A 30 12.25 7.10 -2.57
CA SER A 30 13.33 7.82 -3.26
C SER A 30 14.69 7.15 -3.03
N GLU A 31 14.75 6.22 -2.08
CA GLU A 31 16.01 5.59 -1.72
C GLU A 31 15.88 4.07 -1.64
N GLU A 32 16.89 3.39 -2.16
CA GLU A 32 16.96 1.93 -2.06
C GLU A 32 17.27 1.54 -0.62
N GLY A 33 16.78 0.38 -0.21
CA GLY A 33 17.04 -0.08 1.14
C GLY A 33 16.05 0.48 2.14
N ALA A 34 14.97 1.03 1.64
CA ALA A 34 13.92 1.57 2.51
C ALA A 34 12.87 0.51 2.79
N GLN A 35 12.83 0.05 4.03
CA GLN A 35 11.85 -0.93 4.46
C GLN A 35 10.45 -0.32 4.45
N VAL A 36 9.46 -1.13 4.09
CA VAL A 36 8.08 -0.67 4.04
C VAL A 36 7.18 -1.63 4.82
N LYS A 37 6.19 -1.09 5.49
CA LYS A 37 5.25 -1.88 6.28
C LYS A 37 3.82 -1.51 5.91
N TRP A 38 3.02 -2.51 5.62
CA TRP A 38 1.62 -2.29 5.25
C TRP A 38 0.71 -2.53 6.45
N LEU A 39 -0.01 -1.49 6.84
CA LEU A 39 -0.95 -1.56 7.94
C LEU A 39 -2.36 -1.31 7.42
N LYS A 40 -3.24 -2.28 7.59
CA LYS A 40 -4.57 -2.21 7.02
C LYS A 40 -5.61 -1.90 8.10
N ASP A 41 -6.09 -0.66 8.08
CA ASP A 41 -7.10 -0.17 9.03
C ASP A 41 -6.75 -0.55 10.46
N GLY A 42 -5.49 -0.34 10.82
CA GLY A 42 -5.04 -0.61 12.17
C GLY A 42 -4.34 -1.96 12.31
N VAL A 43 -4.68 -2.90 11.44
CA VAL A 43 -4.13 -4.24 11.54
C VAL A 43 -3.02 -4.44 10.52
N GLU A 44 -1.82 -4.73 10.99
CA GLU A 44 -0.69 -5.02 10.11
C GLU A 44 -0.96 -6.30 9.33
N LEU A 45 -0.81 -6.24 8.02
CA LEU A 45 -1.06 -7.41 7.19
C LEU A 45 0.23 -8.20 6.99
N THR A 46 0.09 -9.44 6.55
CA THR A 46 1.23 -10.32 6.40
C THR A 46 1.68 -10.40 4.95
N ARG A 47 3.00 -10.47 4.76
CA ARG A 47 3.61 -10.52 3.44
C ARG A 47 3.42 -11.89 2.79
N GLU A 48 2.73 -12.77 3.48
CA GLU A 48 2.54 -14.14 3.03
C GLU A 48 1.06 -14.52 3.01
N GLU A 49 0.23 -13.53 2.68
CA GLU A 49 -1.22 -13.74 2.61
C GLU A 49 -1.62 -14.35 1.27
N THR A 50 -2.92 -14.57 1.11
CA THR A 50 -3.45 -15.21 -0.08
C THR A 50 -3.24 -14.35 -1.33
N PHE A 51 -3.42 -14.97 -2.49
CA PHE A 51 -3.11 -14.33 -3.78
C PHE A 51 -4.15 -13.29 -4.18
N LYS A 52 -4.99 -12.89 -3.24
CA LYS A 52 -5.99 -11.87 -3.49
C LYS A 52 -5.32 -10.57 -3.94
N TYR A 53 -4.26 -10.20 -3.24
CA TYR A 53 -3.50 -9.02 -3.56
C TYR A 53 -2.03 -9.26 -3.29
N TRP A 54 -1.20 -9.05 -4.30
CA TRP A 54 0.22 -9.35 -4.22
C TRP A 54 1.04 -8.10 -4.51
N PHE A 55 2.30 -8.10 -4.08
CA PHE A 55 3.13 -6.93 -4.24
C PHE A 55 4.40 -7.26 -5.00
N LYS A 56 4.93 -6.26 -5.70
CA LYS A 56 6.19 -6.39 -6.40
C LYS A 56 7.20 -5.41 -5.82
N LYS A 57 8.42 -5.90 -5.67
CA LYS A 57 9.52 -5.08 -5.22
C LYS A 57 10.53 -4.94 -6.35
N ASP A 58 10.56 -3.78 -6.98
CA ASP A 58 11.47 -3.55 -8.08
C ASP A 58 12.47 -2.47 -7.71
N GLY A 59 13.57 -2.88 -7.10
CA GLY A 59 14.59 -1.95 -6.68
C GLY A 59 14.09 -0.98 -5.61
N GLN A 60 13.65 0.18 -6.05
CA GLN A 60 13.19 1.22 -5.13
C GLN A 60 11.67 1.30 -5.10
N ARG A 61 11.02 0.78 -6.13
CA ARG A 61 9.59 0.95 -6.26
C ARG A 61 8.83 -0.21 -5.63
N HIS A 62 7.65 0.07 -5.12
CA HIS A 62 6.84 -0.93 -4.45
C HIS A 62 5.40 -0.84 -4.93
N HIS A 63 4.91 -1.88 -5.55
CA HIS A 63 3.56 -1.87 -6.10
C HIS A 63 2.72 -2.98 -5.50
N LEU A 64 1.57 -2.61 -4.97
CA LEU A 64 0.63 -3.57 -4.42
C LEU A 64 -0.57 -3.69 -5.36
N ILE A 65 -0.76 -4.88 -5.91
CA ILE A 65 -1.80 -5.08 -6.89
C ILE A 65 -2.91 -5.97 -6.34
N ILE A 66 -4.06 -5.36 -6.07
CA ILE A 66 -5.23 -6.13 -5.67
C ILE A 66 -5.97 -6.57 -6.92
N ASN A 67 -6.12 -7.87 -7.10
CA ASN A 67 -6.74 -8.39 -8.31
C ASN A 67 -8.22 -8.04 -8.35
N GLU A 68 -8.89 -8.25 -7.23
CA GLU A 68 -10.30 -7.91 -7.10
C GLU A 68 -10.57 -7.32 -5.73
N ALA A 69 -10.83 -6.02 -5.69
CA ALA A 69 -11.11 -5.32 -4.45
C ALA A 69 -12.38 -5.84 -3.80
N MET A 70 -12.33 -6.05 -2.49
CA MET A 70 -13.48 -6.53 -1.74
C MET A 70 -13.66 -5.72 -0.46
N LEU A 71 -14.74 -6.00 0.26
CA LEU A 71 -15.16 -5.19 1.41
C LEU A 71 -14.04 -5.00 2.46
N GLU A 72 -13.18 -6.02 2.59
CA GLU A 72 -12.08 -5.98 3.57
C GLU A 72 -11.14 -4.82 3.29
N ASP A 73 -11.05 -4.45 2.02
CA ASP A 73 -10.06 -3.50 1.56
C ASP A 73 -10.50 -2.07 1.80
N ALA A 74 -11.77 -1.89 2.15
CA ALA A 74 -12.33 -0.58 2.45
C ALA A 74 -11.75 0.04 3.73
N GLY A 75 -10.74 -0.61 4.29
CA GLY A 75 -10.10 -0.11 5.48
C GLY A 75 -9.07 0.96 5.16
N HIS A 76 -8.61 1.66 6.19
CA HIS A 76 -7.64 2.74 6.04
C HIS A 76 -6.23 2.18 5.88
N TYR A 77 -5.70 2.24 4.67
CA TYR A 77 -4.37 1.76 4.39
C TYR A 77 -3.32 2.74 4.89
N ALA A 78 -2.43 2.25 5.72
CA ALA A 78 -1.32 3.04 6.22
C ALA A 78 -0.01 2.34 5.89
N LEU A 79 0.95 3.09 5.41
CA LEU A 79 2.24 2.52 5.06
C LEU A 79 3.32 3.13 5.95
N CYS A 80 3.84 2.33 6.85
CA CYS A 80 4.92 2.77 7.71
C CYS A 80 6.24 2.52 7.00
N THR A 81 6.96 3.58 6.69
CA THR A 81 8.20 3.45 5.95
C THR A 81 9.39 3.43 6.92
N SER A 82 10.59 3.21 6.37
CA SER A 82 11.82 3.22 7.16
C SER A 82 12.10 4.61 7.74
N GLY A 83 11.29 5.59 7.35
CA GLY A 83 11.47 6.95 7.84
C GLY A 83 10.17 7.71 7.94
N GLY A 84 9.44 7.77 6.83
CA GLY A 84 8.20 8.52 6.79
C GLY A 84 6.98 7.65 7.05
N GLN A 85 5.80 8.23 6.86
CA GLN A 85 4.55 7.50 7.03
C GLN A 85 3.55 7.91 5.97
N ALA A 86 2.85 6.93 5.41
CA ALA A 86 1.82 7.19 4.43
C ALA A 86 0.46 6.74 4.97
N LEU A 87 -0.58 7.50 4.66
CA LEU A 87 -1.91 7.18 5.13
C LEU A 87 -2.95 7.58 4.10
N ALA A 88 -3.81 6.65 3.72
CA ALA A 88 -4.89 6.92 2.78
C ALA A 88 -6.06 6.01 3.07
N GLU A 89 -7.26 6.46 2.74
CA GLU A 89 -8.44 5.64 2.94
C GLU A 89 -8.98 5.17 1.60
N LEU A 90 -8.94 3.87 1.38
CA LEU A 90 -9.48 3.29 0.17
C LEU A 90 -10.88 2.79 0.46
N ILE A 91 -11.86 3.43 -0.12
CA ILE A 91 -13.24 3.08 0.12
C ILE A 91 -13.73 2.09 -0.92
N VAL A 92 -13.99 0.87 -0.49
CA VAL A 92 -14.50 -0.17 -1.36
C VAL A 92 -15.94 -0.46 -1.02
N GLN A 93 -16.84 -0.14 -1.93
CA GLN A 93 -18.25 -0.37 -1.71
C GLN A 93 -18.80 -1.40 -2.69
N GLU A 94 -19.91 -2.02 -2.32
CA GLU A 94 -20.57 -3.00 -3.17
C GLU A 94 -21.39 -2.29 -4.24
N LYS A 95 -21.29 -2.78 -5.46
CA LYS A 95 -22.05 -2.22 -6.57
C LYS A 95 -22.99 -3.28 -7.13
N GLY A 1 19.30 18.47 4.77
CA GLY A 1 20.57 18.55 5.53
C GLY A 1 21.13 17.17 5.82
N SER A 2 21.87 17.06 6.92
CA SER A 2 22.47 15.79 7.32
C SER A 2 21.40 14.77 7.72
N HIS A 3 20.54 15.18 8.64
CA HIS A 3 19.48 14.30 9.13
C HIS A 3 18.35 14.22 8.13
N MET A 4 18.27 13.11 7.42
CA MET A 4 17.29 12.95 6.36
C MET A 4 16.45 11.70 6.61
N PRO A 5 15.14 11.87 6.76
CA PRO A 5 14.21 10.76 6.92
C PRO A 5 13.91 10.09 5.58
N VAL A 6 13.46 8.84 5.63
CA VAL A 6 13.08 8.12 4.42
C VAL A 6 11.84 8.77 3.79
N LEU A 7 12.02 9.37 2.63
CA LEU A 7 10.95 10.11 1.97
C LEU A 7 10.15 9.21 1.05
N ILE A 8 8.85 9.48 0.98
CA ILE A 8 7.94 8.72 0.13
C ILE A 8 7.56 9.56 -1.10
N THR A 9 8.00 9.12 -2.27
CA THR A 9 7.74 9.87 -3.49
C THR A 9 6.47 9.38 -4.20
N ARG A 10 5.87 8.32 -3.68
CA ARG A 10 4.63 7.78 -4.23
C ARG A 10 3.64 7.47 -3.12
N PRO A 11 2.67 8.37 -2.89
CA PRO A 11 1.59 8.14 -1.94
C PRO A 11 0.58 7.10 -2.46
N LEU A 12 -0.28 6.62 -1.57
CA LEU A 12 -1.23 5.56 -1.90
C LEU A 12 -2.47 6.12 -2.59
N GLU A 13 -3.30 5.21 -3.10
CA GLU A 13 -4.54 5.60 -3.79
C GLU A 13 -5.54 6.22 -2.82
N ASP A 14 -5.89 7.48 -3.08
CA ASP A 14 -6.83 8.21 -2.26
C ASP A 14 -8.25 8.14 -2.82
N GLN A 15 -8.38 7.66 -4.06
CA GLN A 15 -9.65 7.73 -4.77
C GLN A 15 -10.53 6.52 -4.49
N LEU A 16 -11.83 6.69 -4.69
CA LEU A 16 -12.82 5.70 -4.32
C LEU A 16 -13.01 4.69 -5.45
N VAL A 17 -12.99 3.41 -5.10
CA VAL A 17 -13.10 2.33 -6.07
C VAL A 17 -14.25 1.39 -5.72
N MET A 18 -14.51 0.41 -6.57
CA MET A 18 -15.58 -0.54 -6.34
C MET A 18 -15.04 -1.94 -6.09
N VAL A 19 -15.85 -2.76 -5.43
CA VAL A 19 -15.48 -4.14 -5.14
C VAL A 19 -15.38 -4.97 -6.41
N GLY A 20 -14.37 -5.83 -6.48
CA GLY A 20 -14.25 -6.76 -7.58
C GLY A 20 -13.24 -6.33 -8.64
N GLN A 21 -12.63 -5.17 -8.47
CA GLN A 21 -11.67 -4.69 -9.46
C GLN A 21 -10.25 -4.71 -8.90
N ARG A 22 -9.28 -4.64 -9.81
CA ARG A 22 -7.87 -4.61 -9.44
C ARG A 22 -7.43 -3.21 -9.05
N VAL A 23 -6.77 -3.10 -7.91
CA VAL A 23 -6.23 -1.82 -7.45
C VAL A 23 -4.77 -1.98 -7.03
N GLU A 24 -3.88 -1.23 -7.66
CA GLU A 24 -2.48 -1.27 -7.28
C GLU A 24 -2.11 -0.06 -6.43
N PHE A 25 -1.31 -0.31 -5.41
CA PHE A 25 -0.72 0.74 -4.62
C PHE A 25 0.75 0.86 -4.97
N GLU A 26 1.12 1.97 -5.59
CA GLU A 26 2.50 2.18 -5.96
C GLU A 26 3.18 3.05 -4.93
N CYS A 27 4.18 2.51 -4.27
CA CYS A 27 4.93 3.26 -3.30
C CYS A 27 6.42 3.08 -3.53
N GLU A 28 7.13 4.19 -3.68
CA GLU A 28 8.55 4.16 -3.90
C GLU A 28 9.23 5.16 -2.97
N VAL A 29 10.48 4.88 -2.66
CA VAL A 29 11.27 5.75 -1.82
C VAL A 29 12.46 6.28 -2.59
N SER A 30 12.98 7.42 -2.17
CA SER A 30 14.09 8.07 -2.87
C SER A 30 15.44 7.45 -2.49
N GLU A 31 15.39 6.49 -1.57
CA GLU A 31 16.59 5.80 -1.14
C GLU A 31 16.40 4.30 -1.34
N GLU A 32 17.36 3.65 -1.97
CA GLU A 32 17.20 2.24 -2.31
C GLU A 32 17.68 1.33 -1.19
N GLY A 33 16.87 0.34 -0.86
CA GLY A 33 17.20 -0.56 0.22
C GLY A 33 16.42 -0.25 1.49
N ALA A 34 15.49 0.70 1.38
CA ALA A 34 14.65 1.08 2.50
C ALA A 34 13.49 0.10 2.66
N GLN A 35 13.33 -0.43 3.86
CA GLN A 35 12.29 -1.41 4.12
C GLN A 35 10.93 -0.71 4.33
N VAL A 36 9.88 -1.34 3.84
CA VAL A 36 8.54 -0.78 3.92
C VAL A 36 7.59 -1.75 4.61
N LYS A 37 6.60 -1.22 5.31
CA LYS A 37 5.61 -2.02 6.00
C LYS A 37 4.20 -1.58 5.59
N TRP A 38 3.35 -2.55 5.30
CA TRP A 38 1.97 -2.25 4.95
C TRP A 38 1.08 -2.43 6.17
N LEU A 39 0.38 -1.36 6.55
CA LEU A 39 -0.54 -1.40 7.67
C LEU A 39 -1.95 -1.11 7.19
N LYS A 40 -2.85 -2.06 7.39
CA LYS A 40 -4.20 -1.91 6.91
C LYS A 40 -5.17 -1.68 8.06
N ASP A 41 -5.65 -0.43 8.18
CA ASP A 41 -6.67 -0.05 9.15
C ASP A 41 -6.32 -0.50 10.57
N GLY A 42 -5.04 -0.43 10.91
CA GLY A 42 -4.59 -0.83 12.23
C GLY A 42 -4.16 -2.29 12.30
N VAL A 43 -4.53 -3.04 11.27
CA VAL A 43 -4.19 -4.45 11.19
C VAL A 43 -2.90 -4.64 10.40
N GLU A 44 -1.97 -5.39 10.97
CA GLU A 44 -0.70 -5.68 10.31
C GLU A 44 -0.86 -6.94 9.48
N LEU A 45 -0.76 -6.81 8.17
CA LEU A 45 -1.05 -7.91 7.26
C LEU A 45 0.05 -8.97 7.28
N THR A 46 -0.37 -10.22 7.36
CA THR A 46 0.54 -11.35 7.37
C THR A 46 1.00 -11.71 5.96
N ARG A 47 1.92 -12.66 5.86
CA ARG A 47 2.63 -12.91 4.60
C ARG A 47 2.33 -14.30 4.04
N GLU A 48 1.20 -14.87 4.44
CA GLU A 48 0.84 -16.21 4.00
C GLU A 48 -0.55 -16.25 3.38
N GLU A 49 -1.04 -15.10 2.95
CA GLU A 49 -2.39 -15.02 2.38
C GLU A 49 -2.37 -15.43 0.89
N THR A 50 -3.53 -15.79 0.37
CA THR A 50 -3.65 -16.27 -1.00
C THR A 50 -3.56 -15.12 -2.00
N PHE A 51 -3.67 -15.46 -3.28
CA PHE A 51 -3.45 -14.51 -4.38
C PHE A 51 -4.67 -13.63 -4.66
N LYS A 52 -5.57 -13.53 -3.68
CA LYS A 52 -6.70 -12.61 -3.80
C LYS A 52 -6.17 -11.18 -3.87
N TYR A 53 -4.95 -11.03 -3.37
CA TYR A 53 -4.17 -9.82 -3.57
C TYR A 53 -2.69 -10.18 -3.45
N TRP A 54 -1.84 -9.50 -4.19
CA TRP A 54 -0.42 -9.84 -4.22
C TRP A 54 0.40 -8.60 -4.59
N PHE A 55 1.68 -8.60 -4.25
CA PHE A 55 2.52 -7.45 -4.52
C PHE A 55 3.55 -7.76 -5.60
N LYS A 56 4.10 -6.72 -6.20
CA LYS A 56 5.16 -6.86 -7.19
C LYS A 56 6.31 -5.93 -6.83
N LYS A 57 7.53 -6.33 -7.18
CA LYS A 57 8.70 -5.52 -6.88
C LYS A 57 9.32 -5.01 -8.17
N ASP A 58 9.43 -3.69 -8.29
CA ASP A 58 10.09 -3.08 -9.44
C ASP A 58 11.31 -2.32 -8.96
N GLY A 59 12.41 -3.03 -8.74
CA GLY A 59 13.62 -2.41 -8.26
C GLY A 59 13.47 -1.91 -6.83
N GLN A 60 13.45 -0.59 -6.67
CA GLN A 60 13.30 0.03 -5.36
C GLN A 60 11.83 0.37 -5.12
N ARG A 61 11.02 0.17 -6.14
CA ARG A 61 9.61 0.54 -6.09
C ARG A 61 8.75 -0.69 -5.80
N HIS A 62 7.81 -0.54 -4.89
CA HIS A 62 6.97 -1.65 -4.48
C HIS A 62 5.52 -1.39 -4.83
N HIS A 63 4.87 -2.39 -5.40
CA HIS A 63 3.47 -2.28 -5.78
C HIS A 63 2.63 -3.28 -5.01
N LEU A 64 1.63 -2.80 -4.30
CA LEU A 64 0.69 -3.71 -3.65
C LEU A 64 -0.56 -3.83 -4.51
N ILE A 65 -0.70 -4.96 -5.18
CA ILE A 65 -1.80 -5.18 -6.10
C ILE A 65 -2.95 -5.87 -5.39
N ILE A 66 -4.02 -5.16 -5.13
CA ILE A 66 -5.22 -5.82 -4.70
C ILE A 66 -5.86 -6.41 -5.94
N ASN A 67 -5.92 -7.74 -5.99
CA ASN A 67 -6.43 -8.41 -7.17
C ASN A 67 -7.93 -8.24 -7.24
N GLU A 68 -8.58 -8.36 -6.10
CA GLU A 68 -10.02 -8.11 -6.00
C GLU A 68 -10.29 -7.19 -4.82
N ALA A 69 -10.57 -5.92 -5.11
CA ALA A 69 -11.00 -4.99 -4.08
C ALA A 69 -12.23 -5.55 -3.37
N MET A 70 -12.23 -5.49 -2.05
CA MET A 70 -13.23 -6.21 -1.26
C MET A 70 -13.82 -5.31 -0.15
N LEU A 71 -14.86 -5.81 0.50
CA LEU A 71 -15.55 -5.05 1.55
C LEU A 71 -14.65 -4.82 2.76
N GLU A 72 -14.00 -5.87 3.23
CA GLU A 72 -13.08 -5.77 4.35
C GLU A 72 -11.84 -4.97 3.94
N ASP A 73 -11.61 -4.94 2.64
CA ASP A 73 -10.47 -4.24 2.05
C ASP A 73 -10.68 -2.72 2.07
N ALA A 74 -11.93 -2.31 2.27
CA ALA A 74 -12.31 -0.89 2.28
C ALA A 74 -11.74 -0.13 3.49
N GLY A 75 -10.87 -0.78 4.26
CA GLY A 75 -10.25 -0.14 5.40
C GLY A 75 -9.19 0.87 4.98
N HIS A 76 -8.72 1.65 5.93
CA HIS A 76 -7.70 2.67 5.64
C HIS A 76 -6.35 2.00 5.39
N TYR A 77 -5.54 2.57 4.51
CA TYR A 77 -4.24 2.00 4.20
C TYR A 77 -3.12 2.96 4.52
N ALA A 78 -2.07 2.44 5.14
CA ALA A 78 -0.91 3.24 5.50
C ALA A 78 0.37 2.43 5.36
N LEU A 79 1.38 3.02 4.77
CA LEU A 79 2.67 2.39 4.65
C LEU A 79 3.68 3.15 5.50
N CYS A 80 4.41 2.44 6.33
CA CYS A 80 5.41 3.06 7.18
C CYS A 80 6.80 2.54 6.84
N THR A 81 7.76 3.45 6.78
CA THR A 81 9.13 3.08 6.51
C THR A 81 9.97 3.26 7.76
N SER A 82 11.27 3.06 7.62
CA SER A 82 12.21 3.33 8.71
C SER A 82 12.27 4.83 9.02
N GLY A 83 11.66 5.64 8.15
CA GLY A 83 11.63 7.07 8.35
C GLY A 83 10.22 7.59 8.56
N GLY A 84 9.55 7.96 7.46
CA GLY A 84 8.22 8.50 7.56
C GLY A 84 7.15 7.51 7.13
N GLN A 85 5.91 7.97 7.05
CA GLN A 85 4.81 7.11 6.66
C GLN A 85 3.92 7.78 5.62
N ALA A 86 3.20 6.97 4.86
CA ALA A 86 2.24 7.48 3.89
C ALA A 86 0.88 6.84 4.14
N LEU A 87 -0.11 7.67 4.45
CA LEU A 87 -1.44 7.19 4.78
C LEU A 87 -2.46 7.73 3.79
N ALA A 88 -3.31 6.85 3.30
CA ALA A 88 -4.39 7.22 2.39
C ALA A 88 -5.58 6.29 2.60
N GLU A 89 -6.78 6.82 2.53
CA GLU A 89 -7.96 6.00 2.76
C GLU A 89 -8.57 5.54 1.45
N LEU A 90 -8.62 4.24 1.27
CA LEU A 90 -9.23 3.65 0.08
C LEU A 90 -10.66 3.26 0.39
N ILE A 91 -11.60 3.95 -0.23
CA ILE A 91 -13.00 3.64 -0.04
C ILE A 91 -13.47 2.68 -1.12
N VAL A 92 -13.78 1.45 -0.71
CA VAL A 92 -14.22 0.43 -1.65
C VAL A 92 -15.73 0.20 -1.50
N GLN A 93 -16.47 0.60 -2.51
CA GLN A 93 -17.93 0.44 -2.49
C GLN A 93 -18.33 -0.85 -3.18
N GLU A 94 -19.29 -1.55 -2.60
CA GLU A 94 -19.77 -2.81 -3.17
C GLU A 94 -20.73 -2.51 -4.32
N LYS A 95 -20.91 -3.49 -5.20
CA LYS A 95 -21.81 -3.36 -6.32
C LYS A 95 -23.26 -3.27 -5.85
N GLY A 1 23.59 16.48 3.93
CA GLY A 1 22.70 15.31 3.76
C GLY A 1 21.45 15.43 4.61
N SER A 2 20.42 14.70 4.22
CA SER A 2 19.13 14.77 4.89
C SER A 2 19.18 14.16 6.29
N HIS A 3 19.53 12.87 6.36
CA HIS A 3 19.52 12.12 7.62
C HIS A 3 18.11 12.08 8.20
N MET A 4 17.13 12.14 7.32
CA MET A 4 15.73 12.15 7.72
C MET A 4 15.08 10.83 7.33
N PRO A 5 13.87 10.55 7.85
CA PRO A 5 13.10 9.36 7.45
C PRO A 5 12.93 9.28 5.94
N VAL A 6 12.75 8.06 5.44
CA VAL A 6 12.62 7.84 4.01
C VAL A 6 11.35 8.52 3.48
N LEU A 7 11.53 9.39 2.50
CA LEU A 7 10.42 10.15 1.94
C LEU A 7 9.62 9.30 0.96
N ILE A 8 8.30 9.44 1.02
CA ILE A 8 7.40 8.73 0.12
C ILE A 8 7.14 9.59 -1.12
N THR A 9 7.63 9.15 -2.26
CA THR A 9 7.50 9.91 -3.49
C THR A 9 6.17 9.64 -4.20
N ARG A 10 5.60 8.47 -3.95
CA ARG A 10 4.30 8.13 -4.53
C ARG A 10 3.38 7.59 -3.44
N PRO A 11 2.33 8.35 -3.10
CA PRO A 11 1.35 7.96 -2.09
C PRO A 11 0.38 6.90 -2.62
N LEU A 12 -0.39 6.31 -1.72
CA LEU A 12 -1.34 5.28 -2.10
C LEU A 12 -2.60 5.90 -2.67
N GLU A 13 -3.36 5.11 -3.42
CA GLU A 13 -4.54 5.61 -4.10
C GLU A 13 -5.55 6.19 -3.11
N ASP A 14 -5.85 7.47 -3.27
CA ASP A 14 -6.77 8.18 -2.40
C ASP A 14 -8.19 8.16 -2.95
N GLN A 15 -8.35 7.73 -4.20
CA GLN A 15 -9.66 7.78 -4.85
C GLN A 15 -10.46 6.51 -4.58
N LEU A 16 -11.77 6.62 -4.69
CA LEU A 16 -12.69 5.59 -4.24
C LEU A 16 -12.93 4.55 -5.34
N VAL A 17 -12.94 3.28 -4.94
CA VAL A 17 -13.13 2.17 -5.87
C VAL A 17 -14.30 1.28 -5.43
N MET A 18 -14.61 0.27 -6.22
CA MET A 18 -15.74 -0.60 -5.95
C MET A 18 -15.37 -2.07 -6.08
N VAL A 19 -16.13 -2.92 -5.41
CA VAL A 19 -15.89 -4.36 -5.40
C VAL A 19 -16.07 -4.97 -6.79
N GLY A 20 -15.24 -5.98 -7.10
CA GLY A 20 -15.36 -6.69 -8.36
C GLY A 20 -14.33 -6.29 -9.40
N GLN A 21 -13.82 -5.06 -9.29
CA GLN A 21 -12.82 -4.59 -10.23
C GLN A 21 -11.42 -4.74 -9.64
N ARG A 22 -10.40 -4.56 -10.47
CA ARG A 22 -9.02 -4.64 -10.00
C ARG A 22 -8.59 -3.28 -9.46
N VAL A 23 -7.91 -3.29 -8.33
CA VAL A 23 -7.39 -2.05 -7.76
C VAL A 23 -5.89 -2.15 -7.61
N GLU A 24 -5.17 -1.23 -8.22
CA GLU A 24 -3.73 -1.26 -8.17
C GLU A 24 -3.19 -0.02 -7.46
N PHE A 25 -2.33 -0.24 -6.47
CA PHE A 25 -1.73 0.85 -5.73
C PHE A 25 -0.28 1.03 -6.16
N GLU A 26 0.08 2.25 -6.54
CA GLU A 26 1.45 2.52 -6.91
C GLU A 26 2.10 3.41 -5.88
N CYS A 27 3.12 2.89 -5.22
CA CYS A 27 3.82 3.64 -4.19
C CYS A 27 5.31 3.41 -4.31
N GLU A 28 6.09 4.32 -3.77
CA GLU A 28 7.54 4.21 -3.82
C GLU A 28 8.16 5.10 -2.76
N VAL A 29 9.46 4.94 -2.58
CA VAL A 29 10.21 5.75 -1.64
C VAL A 29 11.39 6.39 -2.34
N SER A 30 12.03 7.34 -1.68
CA SER A 30 13.14 8.08 -2.25
C SER A 30 14.45 7.28 -2.15
N GLU A 31 14.38 6.10 -1.54
CA GLU A 31 15.57 5.26 -1.39
C GLU A 31 15.40 3.94 -2.16
N GLU A 32 16.44 3.56 -2.89
CA GLU A 32 16.40 2.38 -3.74
C GLU A 32 16.41 1.09 -2.92
N GLY A 33 15.41 0.25 -3.15
CA GLY A 33 15.39 -1.06 -2.52
C GLY A 33 15.10 -1.01 -1.04
N ALA A 34 14.31 -0.04 -0.63
CA ALA A 34 13.90 0.06 0.77
C ALA A 34 12.73 -0.87 1.05
N GLN A 35 12.84 -1.63 2.14
CA GLN A 35 11.79 -2.56 2.55
C GLN A 35 10.54 -1.81 2.98
N VAL A 36 9.39 -2.36 2.65
CA VAL A 36 8.12 -1.75 3.02
C VAL A 36 7.25 -2.73 3.80
N LYS A 37 6.48 -2.21 4.72
CA LYS A 37 5.56 -2.99 5.50
C LYS A 37 4.14 -2.49 5.24
N TRP A 38 3.23 -3.42 5.04
CA TRP A 38 1.84 -3.07 4.77
C TRP A 38 1.02 -3.15 6.05
N LEU A 39 0.43 -2.03 6.41
CA LEU A 39 -0.37 -1.93 7.63
C LEU A 39 -1.82 -1.64 7.26
N LYS A 40 -2.74 -2.07 8.10
CA LYS A 40 -4.15 -1.83 7.84
C LYS A 40 -4.86 -1.40 9.13
N ASP A 41 -5.16 -0.11 9.20
CA ASP A 41 -5.84 0.49 10.35
C ASP A 41 -5.20 0.05 11.68
N GLY A 42 -3.87 -0.03 11.70
CA GLY A 42 -3.17 -0.39 12.92
C GLY A 42 -2.76 -1.86 12.96
N VAL A 43 -3.51 -2.69 12.24
CA VAL A 43 -3.23 -4.13 12.20
C VAL A 43 -2.30 -4.43 11.03
N GLU A 44 -1.29 -5.26 11.27
CA GLU A 44 -0.31 -5.59 10.24
C GLU A 44 -0.83 -6.70 9.33
N LEU A 45 -0.65 -6.54 8.03
CA LEU A 45 -1.06 -7.56 7.07
C LEU A 45 -0.18 -8.78 7.20
N THR A 46 -0.72 -9.93 6.84
CA THR A 46 -0.07 -11.19 7.12
C THR A 46 1.13 -11.44 6.18
N ARG A 47 2.19 -12.03 6.74
CA ARG A 47 3.37 -12.41 5.98
C ARG A 47 3.04 -13.55 5.01
N GLU A 48 1.97 -14.26 5.33
CA GLU A 48 1.47 -15.37 4.51
C GLU A 48 0.10 -15.02 3.97
N GLU A 49 -0.07 -13.75 3.60
CA GLU A 49 -1.36 -13.22 3.17
C GLU A 49 -1.87 -13.92 1.91
N THR A 50 -3.18 -13.90 1.74
CA THR A 50 -3.83 -14.55 0.61
C THR A 50 -3.36 -13.97 -0.72
N PHE A 51 -3.37 -14.78 -1.76
CA PHE A 51 -2.88 -14.39 -3.07
C PHE A 51 -3.97 -13.69 -3.89
N LYS A 52 -5.01 -13.23 -3.21
CA LYS A 52 -6.07 -12.49 -3.87
C LYS A 52 -5.57 -11.11 -4.26
N TYR A 53 -4.56 -10.65 -3.55
CA TYR A 53 -3.87 -9.41 -3.87
C TYR A 53 -2.40 -9.55 -3.52
N TRP A 54 -1.53 -9.06 -4.38
CA TRP A 54 -0.10 -9.25 -4.21
C TRP A 54 0.67 -7.96 -4.45
N PHE A 55 1.89 -7.90 -3.94
CA PHE A 55 2.73 -6.72 -4.11
C PHE A 55 4.01 -7.07 -4.85
N LYS A 56 4.39 -6.20 -5.77
CA LYS A 56 5.58 -6.40 -6.59
C LYS A 56 6.61 -5.31 -6.30
N LYS A 57 7.86 -5.72 -6.08
CA LYS A 57 8.94 -4.78 -5.83
C LYS A 57 9.78 -4.58 -7.08
N ASP A 58 9.98 -3.33 -7.45
CA ASP A 58 10.86 -2.98 -8.57
C ASP A 58 11.75 -1.81 -8.18
N GLY A 59 12.82 -2.11 -7.47
CA GLY A 59 13.74 -1.07 -7.02
C GLY A 59 13.16 -0.28 -5.87
N GLN A 60 12.97 1.01 -6.08
CA GLN A 60 12.42 1.88 -5.05
C GLN A 60 10.90 1.85 -5.09
N ARG A 61 10.36 1.30 -6.17
CA ARG A 61 8.93 1.32 -6.40
C ARG A 61 8.29 0.01 -5.98
N HIS A 62 7.13 0.12 -5.35
CA HIS A 62 6.40 -1.04 -4.85
C HIS A 62 4.95 -0.97 -5.31
N HIS A 63 4.52 -1.95 -6.07
CA HIS A 63 3.17 -1.96 -6.61
C HIS A 63 2.31 -2.98 -5.87
N LEU A 64 1.18 -2.52 -5.33
CA LEU A 64 0.26 -3.42 -4.65
C LEU A 64 -0.97 -3.66 -5.53
N ILE A 65 -1.04 -4.83 -6.13
CA ILE A 65 -2.10 -5.13 -7.07
C ILE A 65 -3.17 -5.98 -6.42
N ILE A 66 -4.35 -5.41 -6.20
CA ILE A 66 -5.48 -6.16 -5.72
C ILE A 66 -6.28 -6.67 -6.91
N ASN A 67 -6.36 -7.97 -7.07
CA ASN A 67 -7.01 -8.58 -8.22
C ASN A 67 -8.52 -8.39 -8.15
N GLU A 68 -9.07 -8.59 -6.96
CA GLU A 68 -10.51 -8.49 -6.77
C GLU A 68 -10.78 -7.67 -5.51
N ALA A 69 -11.23 -6.43 -5.71
CA ALA A 69 -11.58 -5.57 -4.59
C ALA A 69 -12.64 -6.24 -3.73
N MET A 70 -12.34 -6.40 -2.46
CA MET A 70 -13.22 -7.09 -1.53
C MET A 70 -13.75 -6.12 -0.47
N LEU A 71 -14.74 -6.58 0.29
CA LEU A 71 -15.31 -5.77 1.36
C LEU A 71 -14.25 -5.35 2.37
N GLU A 72 -13.26 -6.24 2.55
CA GLU A 72 -12.15 -5.99 3.46
C GLU A 72 -11.34 -4.77 3.07
N ASP A 73 -11.25 -4.51 1.78
CA ASP A 73 -10.38 -3.46 1.26
C ASP A 73 -10.88 -2.07 1.64
N ALA A 74 -12.11 -1.98 2.09
CA ALA A 74 -12.64 -0.74 2.63
C ALA A 74 -11.85 -0.33 3.88
N GLY A 75 -11.22 -1.32 4.51
CA GLY A 75 -10.33 -1.05 5.61
C GLY A 75 -9.09 -0.32 5.13
N HIS A 76 -8.83 0.84 5.72
CA HIS A 76 -7.81 1.75 5.22
C HIS A 76 -6.40 1.16 5.39
N TYR A 77 -5.67 1.11 4.28
CA TYR A 77 -4.31 0.58 4.27
C TYR A 77 -3.30 1.70 4.48
N ALA A 78 -2.15 1.34 5.04
CA ALA A 78 -1.09 2.29 5.30
C ALA A 78 0.26 1.71 4.91
N LEU A 79 1.13 2.54 4.37
CA LEU A 79 2.46 2.12 3.98
C LEU A 79 3.47 2.54 5.03
N CYS A 80 4.07 1.57 5.68
CA CYS A 80 5.06 1.83 6.71
C CYS A 80 6.42 1.36 6.26
N THR A 81 7.41 2.24 6.36
CA THR A 81 8.77 1.88 6.02
C THR A 81 9.64 1.95 7.27
N SER A 82 10.94 1.77 7.11
CA SER A 82 11.87 1.81 8.22
C SER A 82 11.98 3.23 8.80
N GLY A 83 11.38 4.20 8.11
CA GLY A 83 11.47 5.58 8.56
C GLY A 83 10.19 6.37 8.30
N GLY A 84 9.68 6.28 7.09
CA GLY A 84 8.53 7.10 6.71
C GLY A 84 7.21 6.35 6.79
N GLN A 85 6.13 7.11 6.94
CA GLN A 85 4.79 6.54 7.06
C GLN A 85 3.82 7.25 6.11
N ALA A 86 3.15 6.50 5.26
CA ALA A 86 2.18 7.07 4.34
C ALA A 86 0.80 6.46 4.55
N LEU A 87 -0.17 7.28 4.92
CA LEU A 87 -1.52 6.81 5.17
C LEU A 87 -2.47 7.31 4.08
N ALA A 88 -3.36 6.43 3.66
CA ALA A 88 -4.38 6.76 2.68
C ALA A 88 -5.70 6.11 3.08
N GLU A 89 -6.80 6.79 2.81
CA GLU A 89 -8.11 6.24 3.16
C GLU A 89 -8.82 5.75 1.90
N LEU A 90 -8.95 4.44 1.80
CA LEU A 90 -9.62 3.84 0.67
C LEU A 90 -11.02 3.37 1.09
N ILE A 91 -12.00 3.71 0.28
CA ILE A 91 -13.37 3.27 0.53
C ILE A 91 -13.85 2.39 -0.62
N VAL A 92 -14.06 1.12 -0.34
CA VAL A 92 -14.50 0.18 -1.35
C VAL A 92 -15.96 -0.20 -1.12
N GLN A 93 -16.84 0.28 -1.98
CA GLN A 93 -18.25 -0.03 -1.86
C GLN A 93 -18.57 -1.36 -2.55
N GLU A 94 -19.33 -2.19 -1.87
CA GLU A 94 -19.61 -3.54 -2.34
C GLU A 94 -20.78 -3.55 -3.32
N LYS A 95 -20.73 -4.50 -4.24
CA LYS A 95 -21.82 -4.71 -5.18
C LYS A 95 -22.01 -6.20 -5.40
N GLY A 1 17.96 10.61 1.75
CA GLY A 1 19.02 11.62 1.53
C GLY A 1 19.99 11.69 2.69
N SER A 2 20.25 12.89 3.19
CA SER A 2 21.16 13.08 4.30
C SER A 2 20.43 12.83 5.62
N HIS A 3 19.60 13.78 6.02
CA HIS A 3 18.78 13.63 7.23
C HIS A 3 17.32 13.83 6.89
N MET A 4 17.03 13.81 5.60
CA MET A 4 15.66 13.91 5.13
C MET A 4 15.03 12.52 5.06
N PRO A 5 13.78 12.38 5.50
CA PRO A 5 13.08 11.09 5.52
C PRO A 5 12.90 10.51 4.12
N VAL A 6 12.69 9.19 4.07
CA VAL A 6 12.41 8.51 2.81
C VAL A 6 11.06 8.96 2.28
N LEU A 7 11.08 9.62 1.13
CA LEU A 7 9.87 10.20 0.56
C LEU A 7 9.23 9.24 -0.43
N ILE A 8 7.93 9.37 -0.59
CA ILE A 8 7.18 8.53 -1.52
C ILE A 8 6.80 9.33 -2.75
N THR A 9 7.28 8.92 -3.92
CA THR A 9 7.02 9.65 -5.15
C THR A 9 5.76 9.11 -5.84
N ARG A 10 5.12 8.14 -5.19
CA ARG A 10 3.83 7.62 -5.65
C ARG A 10 2.92 7.41 -4.44
N PRO A 11 2.08 8.40 -4.12
CA PRO A 11 1.12 8.29 -3.02
C PRO A 11 0.05 7.25 -3.29
N LEU A 12 -0.56 6.73 -2.24
CA LEU A 12 -1.60 5.74 -2.39
C LEU A 12 -2.91 6.44 -2.74
N GLU A 13 -3.73 5.77 -3.54
CA GLU A 13 -4.92 6.40 -4.10
C GLU A 13 -6.10 6.37 -3.11
N ASP A 14 -6.65 7.56 -2.90
CA ASP A 14 -7.70 7.80 -1.92
C ASP A 14 -9.11 7.69 -2.51
N GLN A 15 -9.21 7.53 -3.82
CA GLN A 15 -10.50 7.64 -4.50
C GLN A 15 -11.27 6.32 -4.43
N LEU A 16 -12.57 6.41 -4.65
CA LEU A 16 -13.51 5.38 -4.27
C LEU A 16 -13.60 4.26 -5.32
N VAL A 17 -13.52 3.02 -4.86
CA VAL A 17 -13.59 1.84 -5.72
C VAL A 17 -14.76 0.96 -5.29
N MET A 18 -14.99 -0.14 -5.99
CA MET A 18 -16.09 -1.03 -5.68
C MET A 18 -15.60 -2.46 -5.46
N VAL A 19 -16.43 -3.29 -4.82
CA VAL A 19 -16.09 -4.68 -4.55
C VAL A 19 -15.86 -5.46 -5.85
N GLY A 20 -14.74 -6.18 -5.91
CA GLY A 20 -14.44 -6.98 -7.08
C GLY A 20 -13.60 -6.24 -8.09
N GLN A 21 -13.47 -4.95 -7.90
CA GLN A 21 -12.68 -4.10 -8.79
C GLN A 21 -11.19 -4.28 -8.54
N ARG A 22 -10.44 -4.47 -9.62
CA ARG A 22 -8.99 -4.61 -9.56
C ARG A 22 -8.35 -3.25 -9.28
N VAL A 23 -7.51 -3.21 -8.26
CA VAL A 23 -6.85 -1.97 -7.87
C VAL A 23 -5.35 -2.21 -7.65
N GLU A 24 -4.52 -1.42 -8.30
CA GLU A 24 -3.08 -1.48 -8.07
C GLU A 24 -2.64 -0.30 -7.22
N PHE A 25 -1.88 -0.59 -6.18
CA PHE A 25 -1.32 0.44 -5.33
C PHE A 25 0.18 0.57 -5.59
N GLU A 26 0.58 1.68 -6.18
CA GLU A 26 1.97 1.90 -6.51
C GLU A 26 2.59 2.90 -5.55
N CYS A 27 3.73 2.54 -4.99
CA CYS A 27 4.44 3.40 -4.07
C CYS A 27 5.95 3.26 -4.26
N GLU A 28 6.57 4.32 -4.76
CA GLU A 28 8.00 4.30 -5.02
C GLU A 28 8.70 5.18 -4.01
N VAL A 29 9.78 4.68 -3.42
CA VAL A 29 10.52 5.45 -2.44
C VAL A 29 11.70 6.14 -3.12
N SER A 30 12.02 7.35 -2.67
CA SER A 30 13.10 8.12 -3.27
C SER A 30 14.46 7.76 -2.69
N GLU A 31 14.46 6.86 -1.72
CA GLU A 31 15.68 6.45 -1.06
C GLU A 31 15.83 4.93 -1.15
N GLU A 32 17.03 4.47 -1.52
CA GLU A 32 17.29 3.05 -1.60
C GLU A 32 17.53 2.49 -0.20
N GLY A 33 17.19 1.22 -0.01
CA GLY A 33 17.40 0.60 1.27
C GLY A 33 16.24 0.86 2.21
N ALA A 34 15.14 1.31 1.67
CA ALA A 34 13.94 1.56 2.44
C ALA A 34 13.02 0.33 2.41
N GLN A 35 12.91 -0.34 3.55
CA GLN A 35 12.03 -1.48 3.66
C GLN A 35 10.61 -1.00 3.88
N VAL A 36 9.64 -1.85 3.55
CA VAL A 36 8.25 -1.45 3.64
C VAL A 36 7.43 -2.45 4.44
N LYS A 37 6.48 -1.93 5.20
CA LYS A 37 5.54 -2.74 5.94
C LYS A 37 4.11 -2.29 5.61
N TRP A 38 3.25 -3.24 5.29
CA TRP A 38 1.87 -2.92 4.99
C TRP A 38 0.99 -3.14 6.21
N LEU A 39 0.41 -2.06 6.69
CA LEU A 39 -0.43 -2.10 7.87
C LEU A 39 -1.85 -1.70 7.49
N LYS A 40 -2.81 -2.57 7.71
CA LYS A 40 -4.18 -2.26 7.36
C LYS A 40 -5.01 -2.06 8.62
N ASP A 41 -5.34 -0.79 8.88
CA ASP A 41 -6.22 -0.40 9.99
C ASP A 41 -5.77 -1.01 11.31
N GLY A 42 -4.46 -1.08 11.53
CA GLY A 42 -3.93 -1.62 12.76
C GLY A 42 -3.53 -3.07 12.64
N VAL A 43 -4.15 -3.77 11.70
CA VAL A 43 -3.85 -5.18 11.48
C VAL A 43 -2.71 -5.34 10.49
N GLU A 44 -1.67 -6.05 10.89
CA GLU A 44 -0.54 -6.29 10.01
C GLU A 44 -0.78 -7.55 9.20
N LEU A 45 -0.81 -7.41 7.89
CA LEU A 45 -1.08 -8.53 7.00
C LEU A 45 0.12 -9.48 6.94
N THR A 46 -0.14 -10.70 6.50
CA THR A 46 0.89 -11.71 6.41
C THR A 46 1.29 -11.94 4.96
N ARG A 47 2.57 -12.17 4.71
CA ARG A 47 3.06 -12.48 3.37
C ARG A 47 2.47 -13.82 2.92
N GLU A 48 2.41 -14.77 3.85
CA GLU A 48 1.72 -16.03 3.62
C GLU A 48 0.21 -15.82 3.70
N GLU A 49 -0.34 -15.18 2.69
CA GLU A 49 -1.76 -14.85 2.64
C GLU A 49 -2.39 -15.51 1.43
N THR A 50 -3.69 -15.32 1.25
CA THR A 50 -4.39 -15.83 0.08
C THR A 50 -4.00 -15.00 -1.16
N PHE A 51 -4.45 -15.45 -2.32
CA PHE A 51 -4.05 -14.84 -3.60
C PHE A 51 -4.83 -13.56 -3.89
N LYS A 52 -5.42 -12.98 -2.85
CA LYS A 52 -6.19 -11.75 -2.97
C LYS A 52 -5.31 -10.60 -3.45
N TYR A 53 -4.05 -10.60 -3.02
CA TYR A 53 -3.14 -9.53 -3.36
C TYR A 53 -1.72 -10.05 -3.46
N TRP A 54 -0.92 -9.42 -4.31
CA TRP A 54 0.49 -9.76 -4.44
C TRP A 54 1.28 -8.50 -4.76
N PHE A 55 2.48 -8.39 -4.21
CA PHE A 55 3.28 -7.19 -4.39
C PHE A 55 4.64 -7.52 -4.99
N LYS A 56 5.17 -6.57 -5.74
CA LYS A 56 6.49 -6.70 -6.34
C LYS A 56 7.34 -5.48 -6.00
N LYS A 57 8.61 -5.71 -5.70
CA LYS A 57 9.52 -4.61 -5.51
C LYS A 57 10.53 -4.57 -6.65
N ASP A 58 10.81 -3.36 -7.13
CA ASP A 58 11.68 -3.17 -8.28
C ASP A 58 12.73 -2.12 -7.94
N GLY A 59 13.79 -2.53 -7.27
CA GLY A 59 14.78 -1.58 -6.80
C GLY A 59 14.22 -0.68 -5.71
N GLN A 60 14.01 0.58 -6.05
CA GLN A 60 13.41 1.53 -5.12
C GLN A 60 11.89 1.51 -5.23
N ARG A 61 11.40 0.78 -6.21
CA ARG A 61 9.99 0.78 -6.55
C ARG A 61 9.25 -0.32 -5.80
N HIS A 62 7.99 -0.06 -5.46
CA HIS A 62 7.17 -1.05 -4.75
C HIS A 62 5.74 -0.99 -5.28
N HIS A 63 5.29 -2.07 -5.90
CA HIS A 63 3.97 -2.08 -6.52
C HIS A 63 3.13 -3.22 -5.97
N LEU A 64 1.96 -2.87 -5.42
CA LEU A 64 1.05 -3.85 -4.85
C LEU A 64 -0.17 -4.02 -5.74
N ILE A 65 -0.47 -5.26 -6.12
CA ILE A 65 -1.61 -5.52 -6.99
C ILE A 65 -2.72 -6.22 -6.21
N ILE A 66 -3.84 -5.52 -6.05
CA ILE A 66 -5.03 -6.11 -5.44
C ILE A 66 -5.89 -6.72 -6.52
N ASN A 67 -6.16 -8.02 -6.41
CA ASN A 67 -6.95 -8.71 -7.43
C ASN A 67 -8.38 -8.20 -7.43
N GLU A 68 -8.99 -8.18 -6.25
CA GLU A 68 -10.37 -7.71 -6.10
C GLU A 68 -10.53 -7.02 -4.75
N ALA A 69 -10.99 -5.77 -4.80
CA ALA A 69 -11.23 -4.99 -3.59
C ALA A 69 -12.38 -5.59 -2.78
N MET A 70 -12.16 -5.71 -1.49
CA MET A 70 -13.15 -6.30 -0.59
C MET A 70 -13.65 -5.22 0.38
N LEU A 71 -14.85 -5.40 0.93
CA LEU A 71 -15.43 -4.42 1.87
C LEU A 71 -14.55 -4.23 3.09
N GLU A 72 -13.85 -5.29 3.49
CA GLU A 72 -12.94 -5.27 4.63
C GLU A 72 -11.81 -4.24 4.39
N ASP A 73 -11.49 -4.03 3.12
CA ASP A 73 -10.37 -3.18 2.72
C ASP A 73 -10.67 -1.70 2.95
N ALA A 74 -11.93 -1.38 3.24
CA ALA A 74 -12.35 -0.01 3.49
C ALA A 74 -11.65 0.61 4.71
N GLY A 75 -10.71 -0.11 5.28
CA GLY A 75 -9.94 0.38 6.40
C GLY A 75 -8.76 1.24 5.96
N HIS A 76 -8.12 1.89 6.92
CA HIS A 76 -7.00 2.78 6.61
C HIS A 76 -5.75 1.98 6.24
N TYR A 77 -5.26 2.16 5.02
CA TYR A 77 -3.99 1.55 4.61
C TYR A 77 -2.83 2.42 5.06
N ALA A 78 -1.82 1.81 5.65
CA ALA A 78 -0.62 2.54 6.03
C ALA A 78 0.62 1.81 5.53
N LEU A 79 1.54 2.56 4.96
CA LEU A 79 2.79 2.02 4.48
C LEU A 79 3.94 2.51 5.35
N CYS A 80 4.46 1.62 6.19
CA CYS A 80 5.54 1.97 7.08
C CYS A 80 6.89 1.67 6.43
N THR A 81 7.67 2.70 6.18
CA THR A 81 8.96 2.53 5.54
C THR A 81 10.09 2.80 6.53
N SER A 82 11.31 2.78 6.04
CA SER A 82 12.47 3.11 6.86
C SER A 82 12.53 4.61 7.13
N GLY A 83 11.64 5.37 6.50
CA GLY A 83 11.64 6.81 6.67
C GLY A 83 10.25 7.40 6.83
N GLY A 84 9.62 7.77 5.72
CA GLY A 84 8.32 8.37 5.77
C GLY A 84 7.21 7.38 5.51
N GLN A 85 6.24 7.32 6.42
CA GLN A 85 5.11 6.42 6.26
C GLN A 85 3.93 7.15 5.62
N ALA A 86 3.40 6.58 4.55
CA ALA A 86 2.26 7.15 3.87
C ALA A 86 0.98 6.46 4.32
N LEU A 87 -0.08 7.23 4.51
CA LEU A 87 -1.34 6.68 4.99
C LEU A 87 -2.47 7.14 4.07
N ALA A 88 -3.20 6.16 3.54
CA ALA A 88 -4.35 6.44 2.69
C ALA A 88 -5.42 5.39 2.92
N GLU A 89 -6.65 5.82 3.04
CA GLU A 89 -7.73 4.90 3.34
C GLU A 89 -8.58 4.67 2.09
N LEU A 90 -8.95 3.42 1.87
CA LEU A 90 -9.65 3.05 0.67
C LEU A 90 -11.15 3.01 0.93
N ILE A 91 -11.91 3.59 0.02
CA ILE A 91 -13.35 3.59 0.13
C ILE A 91 -13.92 2.59 -0.85
N VAL A 92 -14.70 1.64 -0.36
CA VAL A 92 -15.19 0.55 -1.19
C VAL A 92 -16.72 0.55 -1.25
N GLN A 93 -17.26 0.55 -2.46
CA GLN A 93 -18.71 0.47 -2.65
C GLN A 93 -19.17 -0.97 -2.64
N GLU A 94 -20.16 -1.25 -1.83
CA GLU A 94 -20.92 -2.48 -1.97
C GLU A 94 -22.11 -2.18 -2.89
N LYS A 95 -22.26 -2.96 -3.93
CA LYS A 95 -23.33 -2.70 -4.89
C LYS A 95 -24.22 -3.91 -5.01
N GLY A 1 23.63 15.41 8.05
CA GLY A 1 23.93 14.39 9.07
C GLY A 1 23.06 13.17 8.89
N SER A 2 21.96 13.11 9.63
CA SER A 2 21.00 12.03 9.50
C SER A 2 20.13 12.28 8.27
N HIS A 3 19.82 11.22 7.52
CA HIS A 3 18.99 11.37 6.33
C HIS A 3 17.57 11.75 6.72
N MET A 4 16.93 12.55 5.87
CA MET A 4 15.56 12.98 6.11
C MET A 4 14.63 11.77 6.07
N PRO A 5 13.48 11.86 6.76
CA PRO A 5 12.48 10.79 6.77
C PRO A 5 12.11 10.35 5.36
N VAL A 6 11.78 9.08 5.21
CA VAL A 6 11.45 8.53 3.90
C VAL A 6 10.16 9.14 3.38
N LEU A 7 10.31 10.03 2.41
CA LEU A 7 9.17 10.68 1.81
C LEU A 7 8.55 9.79 0.75
N ILE A 8 7.25 9.89 0.60
CA ILE A 8 6.52 9.09 -0.37
C ILE A 8 6.34 9.87 -1.66
N THR A 9 6.92 9.36 -2.74
CA THR A 9 6.88 10.05 -4.03
C THR A 9 5.58 9.73 -4.74
N ARG A 10 5.09 8.51 -4.59
CA ARG A 10 3.82 8.10 -5.18
C ARG A 10 2.82 7.78 -4.07
N PRO A 11 1.85 8.66 -3.83
CA PRO A 11 0.81 8.45 -2.82
C PRO A 11 -0.16 7.35 -3.23
N LEU A 12 -0.88 6.81 -2.25
CA LEU A 12 -1.82 5.72 -2.52
C LEU A 12 -3.14 6.25 -3.04
N GLU A 13 -3.99 5.35 -3.52
CA GLU A 13 -5.25 5.73 -4.15
C GLU A 13 -6.19 6.38 -3.16
N ASP A 14 -6.54 7.63 -3.43
CA ASP A 14 -7.46 8.39 -2.59
C ASP A 14 -8.90 8.30 -3.13
N GLN A 15 -9.05 7.79 -4.34
CA GLN A 15 -10.34 7.81 -5.04
C GLN A 15 -11.17 6.57 -4.74
N LEU A 16 -12.47 6.69 -4.96
CA LEU A 16 -13.42 5.66 -4.59
C LEU A 16 -13.52 4.61 -5.69
N VAL A 17 -13.55 3.34 -5.29
CA VAL A 17 -13.65 2.22 -6.21
C VAL A 17 -14.75 1.26 -5.77
N MET A 18 -15.01 0.24 -6.58
CA MET A 18 -16.06 -0.73 -6.28
C MET A 18 -15.46 -2.08 -5.93
N VAL A 19 -16.18 -2.83 -5.10
CA VAL A 19 -15.73 -4.17 -4.69
C VAL A 19 -15.79 -5.14 -5.87
N GLY A 20 -14.81 -6.04 -5.95
CA GLY A 20 -14.83 -7.07 -6.96
C GLY A 20 -13.92 -6.79 -8.14
N GLN A 21 -13.64 -5.51 -8.40
CA GLN A 21 -12.79 -5.15 -9.52
C GLN A 21 -11.32 -5.11 -9.09
N ARG A 22 -10.42 -5.09 -10.07
CA ARG A 22 -8.99 -5.17 -9.78
C ARG A 22 -8.40 -3.79 -9.57
N VAL A 23 -7.67 -3.63 -8.46
CA VAL A 23 -7.07 -2.35 -8.10
C VAL A 23 -5.57 -2.51 -7.90
N GLU A 24 -4.79 -1.53 -8.36
CA GLU A 24 -3.35 -1.60 -8.25
C GLU A 24 -2.80 -0.34 -7.56
N PHE A 25 -1.90 -0.55 -6.61
CA PHE A 25 -1.29 0.56 -5.92
C PHE A 25 0.17 0.73 -6.36
N GLU A 26 0.45 1.87 -6.97
CA GLU A 26 1.80 2.21 -7.41
C GLU A 26 2.44 3.15 -6.39
N CYS A 27 3.52 2.71 -5.78
CA CYS A 27 4.19 3.54 -4.79
C CYS A 27 5.70 3.55 -4.99
N GLU A 28 6.29 4.71 -4.79
CA GLU A 28 7.74 4.88 -4.86
C GLU A 28 8.16 5.78 -3.72
N VAL A 29 9.25 5.43 -3.05
CA VAL A 29 9.74 6.22 -1.94
C VAL A 29 10.96 7.04 -2.36
N SER A 30 11.20 8.14 -1.68
CA SER A 30 12.31 9.03 -2.01
C SER A 30 13.62 8.54 -1.40
N GLU A 31 13.56 7.46 -0.65
CA GLU A 31 14.74 6.88 -0.04
C GLU A 31 15.05 5.53 -0.70
N GLU A 32 16.33 5.26 -0.90
CA GLU A 32 16.76 4.09 -1.65
C GLU A 32 16.85 2.87 -0.75
N GLY A 33 16.40 1.73 -1.25
CA GLY A 33 16.43 0.50 -0.48
C GLY A 33 15.59 0.59 0.77
N ALA A 34 14.44 1.25 0.66
CA ALA A 34 13.55 1.41 1.79
C ALA A 34 12.37 0.44 1.70
N GLN A 35 12.33 -0.51 2.61
CA GLN A 35 11.21 -1.43 2.72
C GLN A 35 10.01 -0.71 3.32
N VAL A 36 8.81 -1.19 3.02
CA VAL A 36 7.60 -0.52 3.46
C VAL A 36 6.71 -1.46 4.24
N LYS A 37 5.81 -0.88 5.01
CA LYS A 37 4.84 -1.65 5.77
C LYS A 37 3.44 -1.35 5.28
N TRP A 38 2.68 -2.40 4.97
CA TRP A 38 1.30 -2.23 4.59
C TRP A 38 0.40 -2.50 5.80
N LEU A 39 -0.30 -1.48 6.24
CA LEU A 39 -1.15 -1.59 7.41
C LEU A 39 -2.59 -1.28 7.06
N LYS A 40 -3.48 -2.26 7.25
CA LYS A 40 -4.89 -2.05 6.99
C LYS A 40 -5.67 -2.01 8.29
N ASP A 41 -6.11 -0.82 8.67
CA ASP A 41 -6.96 -0.63 9.86
C ASP A 41 -6.38 -1.34 11.08
N GLY A 42 -5.06 -1.31 11.21
CA GLY A 42 -4.40 -1.92 12.36
C GLY A 42 -3.85 -3.31 12.06
N VAL A 43 -4.32 -3.91 10.98
CA VAL A 43 -3.86 -5.24 10.59
C VAL A 43 -2.57 -5.15 9.77
N GLU A 44 -1.50 -5.71 10.31
CA GLU A 44 -0.22 -5.76 9.60
C GLU A 44 -0.06 -7.11 8.92
N LEU A 45 0.03 -7.09 7.60
CA LEU A 45 0.08 -8.33 6.82
C LEU A 45 1.44 -9.03 6.94
N THR A 46 1.46 -10.30 6.57
CA THR A 46 2.68 -11.10 6.68
C THR A 46 3.29 -11.36 5.31
N ARG A 47 4.47 -11.99 5.31
CA ARG A 47 5.21 -12.28 4.07
C ARG A 47 4.41 -13.23 3.17
N GLU A 48 3.90 -14.29 3.76
CA GLU A 48 3.18 -15.32 3.02
C GLU A 48 1.68 -15.06 3.09
N GLU A 49 1.29 -13.84 2.76
CA GLU A 49 -0.10 -13.43 2.85
C GLU A 49 -0.90 -14.00 1.67
N THR A 50 -2.22 -13.88 1.75
CA THR A 50 -3.10 -14.40 0.70
C THR A 50 -2.79 -13.80 -0.67
N PHE A 51 -3.07 -14.57 -1.71
CA PHE A 51 -2.80 -14.15 -3.09
C PHE A 51 -3.95 -13.32 -3.64
N LYS A 52 -4.91 -13.00 -2.77
CA LYS A 52 -6.01 -12.10 -3.14
C LYS A 52 -5.45 -10.74 -3.52
N TYR A 53 -4.42 -10.33 -2.79
CA TYR A 53 -3.69 -9.10 -3.06
C TYR A 53 -2.27 -9.26 -2.57
N TRP A 54 -1.30 -8.91 -3.40
CA TRP A 54 0.10 -9.11 -3.05
C TRP A 54 0.95 -7.92 -3.47
N PHE A 55 2.13 -7.83 -2.88
CA PHE A 55 3.03 -6.73 -3.14
C PHE A 55 4.35 -7.24 -3.73
N LYS A 56 4.87 -6.52 -4.71
CA LYS A 56 6.15 -6.86 -5.30
C LYS A 56 7.06 -5.64 -5.30
N LYS A 57 8.36 -5.88 -5.20
CA LYS A 57 9.32 -4.78 -5.11
C LYS A 57 10.09 -4.60 -6.40
N ASP A 58 10.44 -3.35 -6.69
CA ASP A 58 11.24 -3.01 -7.86
C ASP A 58 12.12 -1.80 -7.53
N GLY A 59 13.37 -2.06 -7.21
CA GLY A 59 14.24 -1.00 -6.76
C GLY A 59 13.72 -0.37 -5.48
N GLN A 60 13.51 0.94 -5.50
CA GLN A 60 12.91 1.62 -4.36
C GLN A 60 11.41 1.80 -4.58
N ARG A 61 10.89 1.19 -5.64
CA ARG A 61 9.47 1.24 -5.94
C ARG A 61 8.78 -0.01 -5.39
N HIS A 62 7.51 0.12 -5.06
CA HIS A 62 6.74 -0.98 -4.50
C HIS A 62 5.37 -1.05 -5.14
N HIS A 63 5.00 -2.22 -5.63
CA HIS A 63 3.71 -2.41 -6.29
C HIS A 63 2.80 -3.28 -5.44
N LEU A 64 1.62 -2.78 -5.11
CA LEU A 64 0.63 -3.57 -4.40
C LEU A 64 -0.53 -3.88 -5.32
N ILE A 65 -0.59 -5.11 -5.80
CA ILE A 65 -1.59 -5.50 -6.77
C ILE A 65 -2.72 -6.27 -6.08
N ILE A 66 -3.91 -5.71 -6.10
CA ILE A 66 -5.08 -6.41 -5.61
C ILE A 66 -5.82 -7.02 -6.79
N ASN A 67 -5.93 -8.34 -6.78
CA ASN A 67 -6.57 -9.04 -7.89
C ASN A 67 -8.06 -8.75 -7.93
N GLU A 68 -8.68 -8.69 -6.75
CA GLU A 68 -10.09 -8.40 -6.63
C GLU A 68 -10.35 -7.62 -5.35
N ALA A 69 -10.76 -6.37 -5.49
CA ALA A 69 -11.02 -5.50 -4.35
C ALA A 69 -12.09 -6.08 -3.43
N MET A 70 -11.90 -5.89 -2.13
CA MET A 70 -12.82 -6.41 -1.13
C MET A 70 -13.36 -5.28 -0.26
N LEU A 71 -14.32 -5.60 0.60
CA LEU A 71 -14.88 -4.62 1.52
C LEU A 71 -13.79 -4.08 2.45
N GLU A 72 -12.81 -4.93 2.74
CA GLU A 72 -11.66 -4.55 3.59
C GLU A 72 -10.99 -3.28 3.08
N ASP A 73 -11.07 -3.04 1.77
CA ASP A 73 -10.42 -1.89 1.14
C ASP A 73 -11.06 -0.58 1.57
N ALA A 74 -12.25 -0.65 2.15
CA ALA A 74 -12.89 0.53 2.71
C ALA A 74 -12.17 0.98 3.98
N GLY A 75 -11.30 0.11 4.47
CA GLY A 75 -10.49 0.43 5.63
C GLY A 75 -9.34 1.33 5.25
N HIS A 76 -8.84 2.07 6.21
CA HIS A 76 -7.78 3.03 5.94
C HIS A 76 -6.42 2.34 5.91
N TYR A 77 -5.79 2.40 4.74
CA TYR A 77 -4.48 1.81 4.53
C TYR A 77 -3.38 2.79 4.88
N ALA A 78 -2.40 2.33 5.62
CA ALA A 78 -1.25 3.16 5.97
C ALA A 78 0.04 2.49 5.52
N LEU A 79 0.92 3.26 4.91
CA LEU A 79 2.21 2.77 4.48
C LEU A 79 3.29 3.39 5.36
N CYS A 80 3.91 2.57 6.18
CA CYS A 80 4.90 3.06 7.13
C CYS A 80 6.30 2.60 6.72
N THR A 81 7.25 3.52 6.80
CA THR A 81 8.64 3.19 6.54
C THR A 81 9.48 3.44 7.79
N SER A 82 10.80 3.27 7.67
CA SER A 82 11.69 3.54 8.78
C SER A 82 11.76 5.04 9.07
N GLY A 83 11.17 5.86 8.21
CA GLY A 83 11.23 7.29 8.38
C GLY A 83 9.86 7.94 8.41
N GLY A 84 9.16 7.89 7.28
CA GLY A 84 7.87 8.55 7.19
C GLY A 84 6.73 7.57 7.03
N GLN A 85 5.50 8.08 7.11
CA GLN A 85 4.33 7.24 6.98
C GLN A 85 3.26 7.94 6.14
N ALA A 86 2.74 7.23 5.15
CA ALA A 86 1.69 7.76 4.29
C ALA A 86 0.38 7.06 4.58
N LEU A 87 -0.63 7.82 4.97
CA LEU A 87 -1.93 7.27 5.29
C LEU A 87 -2.91 7.66 4.20
N ALA A 88 -3.50 6.67 3.55
CA ALA A 88 -4.46 6.92 2.49
C ALA A 88 -5.81 6.34 2.85
N GLU A 89 -6.85 7.12 2.68
CA GLU A 89 -8.18 6.66 2.98
C GLU A 89 -8.87 6.24 1.70
N LEU A 90 -9.05 4.94 1.55
CA LEU A 90 -9.67 4.39 0.35
C LEU A 90 -11.13 4.12 0.62
N ILE A 91 -11.97 4.48 -0.34
CA ILE A 91 -13.39 4.23 -0.21
C ILE A 91 -13.83 3.21 -1.24
N VAL A 92 -14.23 2.04 -0.77
CA VAL A 92 -14.73 1.01 -1.66
C VAL A 92 -16.20 0.78 -1.33
N GLN A 93 -17.04 0.73 -2.35
CA GLN A 93 -18.47 0.58 -2.13
C GLN A 93 -18.96 -0.78 -2.58
N GLU A 94 -19.97 -1.27 -1.89
CA GLU A 94 -20.55 -2.57 -2.15
C GLU A 94 -21.30 -2.58 -3.46
N LYS A 95 -21.29 -3.71 -4.13
CA LYS A 95 -22.04 -3.88 -5.37
C LYS A 95 -23.14 -4.90 -5.14
N GLY A 1 26.94 12.18 5.77
CA GLY A 1 25.53 11.76 5.60
C GLY A 1 24.61 12.51 6.55
N SER A 2 23.37 12.69 6.14
CA SER A 2 22.40 13.37 6.95
C SER A 2 21.19 12.46 7.19
N HIS A 3 20.49 12.68 8.30
CA HIS A 3 19.30 11.91 8.62
C HIS A 3 18.11 12.39 7.80
N MET A 4 18.17 12.15 6.51
CA MET A 4 17.11 12.56 5.60
C MET A 4 16.19 11.39 5.32
N PRO A 5 14.90 11.51 5.71
CA PRO A 5 13.91 10.48 5.49
C PRO A 5 13.75 10.12 4.02
N VAL A 6 13.44 8.86 3.75
CA VAL A 6 13.27 8.39 2.39
C VAL A 6 12.04 9.03 1.74
N LEU A 7 12.22 9.54 0.53
CA LEU A 7 11.14 10.19 -0.19
C LEU A 7 10.25 9.18 -0.89
N ILE A 8 8.95 9.38 -0.81
CA ILE A 8 7.98 8.52 -1.46
C ILE A 8 7.59 9.12 -2.81
N THR A 9 7.86 8.38 -3.88
CA THR A 9 7.57 8.87 -5.23
C THR A 9 6.13 8.55 -5.64
N ARG A 10 5.54 7.53 -5.02
CA ARG A 10 4.20 7.10 -5.38
C ARG A 10 3.27 7.13 -4.18
N PRO A 11 2.21 7.96 -4.24
CA PRO A 11 1.17 7.98 -3.23
C PRO A 11 0.12 6.90 -3.49
N LEU A 12 -0.74 6.66 -2.51
CA LEU A 12 -1.77 5.63 -2.63
C LEU A 12 -3.05 6.22 -3.23
N GLU A 13 -3.99 5.35 -3.58
CA GLU A 13 -5.26 5.77 -4.15
C GLU A 13 -6.13 6.44 -3.09
N ASP A 14 -6.45 7.70 -3.31
CA ASP A 14 -7.28 8.46 -2.38
C ASP A 14 -8.75 8.41 -2.78
N GLN A 15 -9.03 7.95 -3.99
CA GLN A 15 -10.39 8.00 -4.52
C GLN A 15 -11.16 6.73 -4.17
N LEU A 16 -12.47 6.85 -4.14
CA LEU A 16 -13.34 5.76 -3.70
C LEU A 16 -13.71 4.86 -4.88
N VAL A 17 -13.59 3.55 -4.67
CA VAL A 17 -13.85 2.58 -5.73
C VAL A 17 -14.85 1.51 -5.28
N MET A 18 -15.22 0.62 -6.18
CA MET A 18 -16.22 -0.40 -5.89
C MET A 18 -15.61 -1.80 -5.90
N VAL A 19 -16.23 -2.69 -5.13
CA VAL A 19 -15.81 -4.09 -5.07
C VAL A 19 -16.07 -4.81 -6.40
N GLY A 20 -15.18 -5.72 -6.76
CA GLY A 20 -15.38 -6.52 -7.96
C GLY A 20 -14.58 -6.06 -9.16
N GLN A 21 -13.82 -4.97 -9.00
CA GLN A 21 -12.97 -4.49 -10.09
C GLN A 21 -11.49 -4.61 -9.71
N ARG A 22 -10.62 -4.51 -10.70
CA ARG A 22 -9.19 -4.66 -10.47
C ARG A 22 -8.56 -3.35 -10.02
N VAL A 23 -7.76 -3.42 -8.98
CA VAL A 23 -7.04 -2.25 -8.46
C VAL A 23 -5.58 -2.60 -8.25
N GLU A 24 -4.68 -1.70 -8.61
CA GLU A 24 -3.25 -1.94 -8.46
C GLU A 24 -2.58 -0.75 -7.78
N PHE A 25 -1.66 -1.04 -6.89
CA PHE A 25 -0.93 -0.01 -6.16
C PHE A 25 0.56 -0.15 -6.41
N GLU A 26 1.15 0.78 -7.15
CA GLU A 26 2.59 0.78 -7.30
C GLU A 26 3.17 1.93 -6.48
N CYS A 27 3.98 1.58 -5.50
CA CYS A 27 4.59 2.55 -4.61
C CYS A 27 6.11 2.41 -4.65
N GLU A 28 6.78 3.49 -4.98
CA GLU A 28 8.23 3.46 -5.11
C GLU A 28 8.86 4.52 -4.23
N VAL A 29 10.01 4.20 -3.68
CA VAL A 29 10.74 5.13 -2.85
C VAL A 29 12.02 5.56 -3.57
N SER A 30 12.63 6.63 -3.10
CA SER A 30 13.85 7.13 -3.73
C SER A 30 15.07 6.30 -3.34
N GLU A 31 14.95 5.54 -2.26
CA GLU A 31 16.06 4.72 -1.78
C GLU A 31 15.85 3.26 -2.16
N GLU A 32 16.88 2.63 -2.70
CA GLU A 32 16.79 1.24 -3.10
C GLU A 32 17.19 0.35 -1.93
N GLY A 33 16.37 -0.66 -1.66
CA GLY A 33 16.60 -1.53 -0.53
C GLY A 33 15.76 -1.13 0.67
N ALA A 34 14.98 -0.06 0.50
CA ALA A 34 14.11 0.41 1.55
C ALA A 34 12.83 -0.43 1.61
N GLN A 35 12.69 -1.18 2.69
CA GLN A 35 11.54 -2.04 2.89
C GLN A 35 10.35 -1.24 3.42
N VAL A 36 9.15 -1.65 3.03
CA VAL A 36 7.94 -0.99 3.48
C VAL A 36 6.97 -2.00 4.07
N LYS A 37 6.12 -1.56 4.97
CA LYS A 37 5.12 -2.41 5.60
C LYS A 37 3.73 -1.91 5.28
N TRP A 38 2.78 -2.82 5.12
CA TRP A 38 1.41 -2.44 4.80
C TRP A 38 0.54 -2.43 6.05
N LEU A 39 -0.17 -1.33 6.22
CA LEU A 39 -1.01 -1.12 7.38
C LEU A 39 -2.47 -1.03 6.93
N LYS A 40 -3.37 -1.75 7.57
CA LYS A 40 -4.78 -1.73 7.17
C LYS A 40 -5.68 -1.26 8.31
N ASP A 41 -6.19 -0.04 8.18
CA ASP A 41 -7.19 0.52 9.08
C ASP A 41 -6.76 0.45 10.55
N GLY A 42 -5.47 0.67 10.79
CA GLY A 42 -4.96 0.64 12.15
C GLY A 42 -4.34 -0.70 12.51
N VAL A 43 -4.76 -1.75 11.82
CA VAL A 43 -4.27 -3.09 12.09
C VAL A 43 -3.14 -3.46 11.12
N GLU A 44 -2.02 -3.89 11.66
CA GLU A 44 -0.88 -4.28 10.83
C GLU A 44 -1.03 -5.73 10.40
N LEU A 45 -0.84 -6.00 9.12
CA LEU A 45 -1.01 -7.34 8.59
C LEU A 45 0.32 -7.92 8.14
N THR A 46 0.35 -9.23 7.96
CA THR A 46 1.52 -9.90 7.44
C THR A 46 1.25 -10.38 6.02
N ARG A 47 2.27 -10.91 5.35
CA ARG A 47 2.13 -11.37 3.98
C ARG A 47 1.49 -12.76 3.94
N GLU A 48 1.26 -13.33 5.11
CA GLU A 48 0.62 -14.63 5.20
C GLU A 48 -0.88 -14.49 4.92
N GLU A 49 -1.21 -14.34 3.65
CA GLU A 49 -2.60 -14.19 3.23
C GLU A 49 -2.79 -14.85 1.86
N THR A 50 -4.03 -14.97 1.42
CA THR A 50 -4.33 -15.60 0.14
C THR A 50 -3.85 -14.73 -1.03
N PHE A 51 -3.93 -15.29 -2.24
CA PHE A 51 -3.36 -14.67 -3.43
C PHE A 51 -4.32 -13.64 -4.05
N LYS A 52 -5.29 -13.20 -3.26
CA LYS A 52 -6.20 -12.14 -3.67
C LYS A 52 -5.41 -10.88 -4.01
N TYR A 53 -4.29 -10.69 -3.31
CA TYR A 53 -3.39 -9.59 -3.57
C TYR A 53 -1.96 -10.05 -3.35
N TRP A 54 -1.05 -9.55 -4.16
CA TRP A 54 0.35 -9.93 -4.05
C TRP A 54 1.23 -8.75 -4.44
N PHE A 55 2.38 -8.61 -3.80
CA PHE A 55 3.26 -7.50 -4.10
C PHE A 55 4.67 -7.97 -4.43
N LYS A 56 5.36 -7.18 -5.23
CA LYS A 56 6.73 -7.49 -5.63
C LYS A 56 7.68 -6.42 -5.12
N LYS A 57 8.92 -6.81 -4.86
CA LYS A 57 9.96 -5.87 -4.49
C LYS A 57 10.98 -5.77 -5.61
N ASP A 58 10.96 -4.66 -6.33
CA ASP A 58 11.91 -4.46 -7.41
C ASP A 58 12.85 -3.32 -7.06
N GLY A 59 13.85 -3.62 -6.25
CA GLY A 59 14.80 -2.63 -5.83
C GLY A 59 14.17 -1.58 -4.91
N GLN A 60 13.78 -0.44 -5.50
CA GLN A 60 13.20 0.64 -4.74
C GLN A 60 11.70 0.77 -5.00
N ARG A 61 11.22 0.07 -6.01
CA ARG A 61 9.80 0.14 -6.36
C ARG A 61 9.06 -1.11 -5.85
N HIS A 62 7.89 -0.89 -5.28
CA HIS A 62 7.08 -1.97 -4.76
C HIS A 62 5.73 -1.98 -5.48
N HIS A 63 5.38 -3.09 -6.11
CA HIS A 63 4.12 -3.18 -6.83
C HIS A 63 3.17 -4.12 -6.13
N LEU A 64 2.01 -3.60 -5.76
CA LEU A 64 0.97 -4.40 -5.13
C LEU A 64 -0.15 -4.64 -6.13
N ILE A 65 -0.29 -5.88 -6.57
CA ILE A 65 -1.31 -6.22 -7.54
C ILE A 65 -2.49 -6.88 -6.85
N ILE A 66 -3.65 -6.26 -6.98
CA ILE A 66 -4.88 -6.84 -6.47
C ILE A 66 -5.72 -7.34 -7.63
N ASN A 67 -6.03 -8.63 -7.62
CA ASN A 67 -6.79 -9.24 -8.70
C ASN A 67 -8.19 -8.66 -8.75
N GLU A 68 -8.87 -8.67 -7.59
CA GLU A 68 -10.21 -8.11 -7.48
C GLU A 68 -10.35 -7.37 -6.17
N ALA A 69 -10.84 -6.13 -6.24
CA ALA A 69 -11.12 -5.34 -5.05
C ALA A 69 -12.20 -6.01 -4.23
N MET A 70 -11.95 -6.12 -2.93
CA MET A 70 -12.83 -6.84 -2.04
C MET A 70 -13.18 -5.95 -0.84
N LEU A 71 -14.11 -6.41 -0.01
CA LEU A 71 -14.55 -5.65 1.17
C LEU A 71 -13.39 -5.26 2.08
N GLU A 72 -12.36 -6.09 2.14
CA GLU A 72 -11.20 -5.83 2.98
C GLU A 72 -10.42 -4.59 2.53
N ASP A 73 -10.59 -4.21 1.28
CA ASP A 73 -9.86 -3.06 0.73
C ASP A 73 -10.46 -1.75 1.23
N ALA A 74 -11.66 -1.83 1.81
CA ALA A 74 -12.26 -0.68 2.45
C ALA A 74 -11.43 -0.26 3.66
N GLY A 75 -10.62 -1.20 4.16
CA GLY A 75 -9.70 -0.89 5.21
C GLY A 75 -8.63 0.07 4.73
N HIS A 76 -8.54 1.22 5.37
CA HIS A 76 -7.67 2.29 4.91
C HIS A 76 -6.21 1.86 4.97
N TYR A 77 -5.63 1.61 3.80
CA TYR A 77 -4.25 1.17 3.69
C TYR A 77 -3.28 2.31 3.93
N ALA A 78 -2.26 2.03 4.71
CA ALA A 78 -1.20 2.99 4.97
C ALA A 78 0.14 2.35 4.66
N LEU A 79 1.03 3.11 4.05
CA LEU A 79 2.35 2.60 3.71
C LEU A 79 3.35 3.04 4.76
N CYS A 80 3.78 2.11 5.59
CA CYS A 80 4.71 2.40 6.66
C CYS A 80 6.15 2.20 6.18
N THR A 81 6.89 3.29 6.13
CA THR A 81 8.29 3.25 5.71
C THR A 81 9.19 3.76 6.84
N SER A 82 10.49 3.47 6.76
CA SER A 82 11.43 3.88 7.80
C SER A 82 11.70 5.39 7.77
N GLY A 83 11.14 6.07 6.78
CA GLY A 83 11.30 7.51 6.71
C GLY A 83 9.96 8.22 6.75
N GLY A 84 9.53 8.72 5.60
CA GLY A 84 8.22 9.31 5.51
C GLY A 84 7.19 8.29 5.10
N GLN A 85 6.14 8.14 5.90
CA GLN A 85 5.10 7.17 5.59
C GLN A 85 3.97 7.83 4.83
N ALA A 86 3.42 7.11 3.87
CA ALA A 86 2.34 7.65 3.04
C ALA A 86 1.01 7.06 3.47
N LEU A 87 0.05 7.92 3.77
CA LEU A 87 -1.25 7.48 4.24
C LEU A 87 -2.35 8.13 3.41
N ALA A 88 -3.17 7.30 2.79
CA ALA A 88 -4.34 7.75 2.08
C ALA A 88 -5.50 6.84 2.44
N GLU A 89 -6.68 7.40 2.59
CA GLU A 89 -7.80 6.58 3.06
C GLU A 89 -8.63 6.10 1.88
N LEU A 90 -8.52 4.80 1.64
CA LEU A 90 -9.22 4.16 0.55
C LEU A 90 -10.53 3.57 1.05
N ILE A 91 -11.58 3.77 0.28
CA ILE A 91 -12.87 3.20 0.62
C ILE A 91 -13.41 2.39 -0.56
N VAL A 92 -13.61 1.11 -0.34
CA VAL A 92 -14.12 0.23 -1.38
C VAL A 92 -15.50 -0.27 -0.99
N GLN A 93 -16.51 0.27 -1.63
CA GLN A 93 -17.89 -0.08 -1.31
C GLN A 93 -18.33 -1.30 -2.09
N GLU A 94 -19.07 -2.16 -1.42
CA GLU A 94 -19.55 -3.39 -2.02
C GLU A 94 -20.87 -3.16 -2.74
N LYS A 95 -21.17 -4.01 -3.70
CA LYS A 95 -22.40 -3.92 -4.45
C LYS A 95 -23.06 -5.28 -4.52
N GLY A 1 23.00 14.40 1.18
CA GLY A 1 22.88 15.87 1.07
C GLY A 1 22.30 16.48 2.33
N SER A 2 21.12 16.03 2.72
CA SER A 2 20.48 16.48 3.94
C SER A 2 19.83 15.31 4.66
N HIS A 3 19.90 15.30 5.98
CA HIS A 3 19.35 14.21 6.77
C HIS A 3 17.83 14.35 6.87
N MET A 4 17.13 13.73 5.94
CA MET A 4 15.68 13.74 5.91
C MET A 4 15.14 12.33 6.09
N PRO A 5 13.89 12.21 6.56
CA PRO A 5 13.21 10.91 6.63
C PRO A 5 13.05 10.29 5.24
N VAL A 6 12.74 9.01 5.18
CA VAL A 6 12.60 8.33 3.89
C VAL A 6 11.39 8.90 3.14
N LEU A 7 11.66 9.57 2.02
CA LEU A 7 10.61 10.21 1.24
C LEU A 7 9.86 9.20 0.39
N ILE A 8 8.55 9.17 0.55
CA ILE A 8 7.69 8.35 -0.27
C ILE A 8 7.43 9.07 -1.59
N THR A 9 8.05 8.60 -2.65
CA THR A 9 7.97 9.23 -3.96
C THR A 9 6.53 9.24 -4.48
N ARG A 10 5.81 8.14 -4.26
CA ARG A 10 4.44 8.02 -4.73
C ARG A 10 3.52 7.60 -3.59
N PRO A 11 2.50 8.41 -3.29
CA PRO A 11 1.53 8.11 -2.23
C PRO A 11 0.50 7.07 -2.65
N LEU A 12 -0.25 6.56 -1.68
CA LEU A 12 -1.28 5.57 -1.95
C LEU A 12 -2.55 6.25 -2.46
N GLU A 13 -3.26 5.55 -3.34
CA GLU A 13 -4.51 6.02 -3.93
C GLU A 13 -5.53 6.41 -2.84
N ASP A 14 -5.95 7.65 -2.89
CA ASP A 14 -6.87 8.22 -1.90
C ASP A 14 -8.33 8.09 -2.33
N GLN A 15 -8.56 7.73 -3.58
CA GLN A 15 -9.90 7.80 -4.16
C GLN A 15 -10.69 6.52 -3.91
N LEU A 16 -12.01 6.67 -3.98
CA LEU A 16 -12.93 5.59 -3.63
C LEU A 16 -13.20 4.70 -4.84
N VAL A 17 -13.31 3.39 -4.59
CA VAL A 17 -13.52 2.41 -5.65
C VAL A 17 -14.69 1.48 -5.31
N MET A 18 -15.00 0.57 -6.20
CA MET A 18 -16.12 -0.35 -6.00
C MET A 18 -15.69 -1.80 -6.18
N VAL A 19 -16.49 -2.70 -5.63
CA VAL A 19 -16.22 -4.13 -5.62
C VAL A 19 -16.28 -4.75 -7.02
N GLY A 20 -15.43 -5.76 -7.26
CA GLY A 20 -15.52 -6.54 -8.47
C GLY A 20 -14.49 -6.17 -9.53
N GLN A 21 -13.74 -5.11 -9.30
CA GLN A 21 -12.71 -4.71 -10.24
C GLN A 21 -11.34 -4.88 -9.63
N ARG A 22 -10.30 -4.79 -10.45
CA ARG A 22 -8.94 -4.87 -9.96
C ARG A 22 -8.49 -3.49 -9.52
N VAL A 23 -7.76 -3.42 -8.43
CA VAL A 23 -7.20 -2.17 -7.96
C VAL A 23 -5.71 -2.30 -7.74
N GLU A 24 -4.94 -1.45 -8.40
CA GLU A 24 -3.50 -1.51 -8.32
C GLU A 24 -2.93 -0.19 -7.81
N PHE A 25 -2.17 -0.29 -6.74
CA PHE A 25 -1.62 0.87 -6.07
C PHE A 25 -0.10 0.88 -6.21
N GLU A 26 0.46 2.00 -6.58
CA GLU A 26 1.89 2.08 -6.79
C GLU A 26 2.51 3.10 -5.87
N CYS A 27 3.38 2.64 -4.98
CA CYS A 27 4.05 3.51 -4.05
C CYS A 27 5.51 3.09 -3.91
N GLU A 28 6.40 3.92 -4.41
CA GLU A 28 7.82 3.61 -4.36
C GLU A 28 8.59 4.78 -3.77
N VAL A 29 9.81 4.51 -3.35
CA VAL A 29 10.61 5.49 -2.64
C VAL A 29 11.81 5.92 -3.47
N SER A 30 12.51 6.94 -3.00
CA SER A 30 13.67 7.48 -3.71
C SER A 30 14.95 6.74 -3.30
N GLU A 31 14.93 6.12 -2.13
CA GLU A 31 16.09 5.38 -1.65
C GLU A 31 15.93 3.91 -1.98
N GLU A 32 16.97 3.30 -2.53
CA GLU A 32 16.88 1.91 -2.96
C GLU A 32 17.22 0.96 -1.83
N GLY A 33 16.45 -0.11 -1.72
CA GLY A 33 16.65 -1.06 -0.65
C GLY A 33 15.75 -0.78 0.54
N ALA A 34 15.05 0.33 0.49
CA ALA A 34 14.12 0.69 1.54
C ALA A 34 12.83 -0.11 1.40
N GLN A 35 12.62 -1.02 2.33
CA GLN A 35 11.43 -1.86 2.32
C GLN A 35 10.32 -1.23 3.16
N VAL A 36 9.11 -1.72 2.99
CA VAL A 36 7.96 -1.19 3.71
C VAL A 36 7.09 -2.31 4.24
N LYS A 37 6.35 -2.04 5.30
CA LYS A 37 5.42 -3.01 5.86
C LYS A 37 4.00 -2.50 5.76
N TRP A 38 3.08 -3.38 5.41
CA TRP A 38 1.69 -3.00 5.20
C TRP A 38 0.83 -3.32 6.43
N LEU A 39 -0.05 -2.41 6.76
CA LEU A 39 -0.98 -2.58 7.86
C LEU A 39 -2.41 -2.45 7.33
N LYS A 40 -3.26 -3.42 7.65
CA LYS A 40 -4.61 -3.43 7.13
C LYS A 40 -5.63 -3.21 8.25
N ASP A 41 -6.20 -2.01 8.28
CA ASP A 41 -7.28 -1.66 9.21
C ASP A 41 -6.88 -1.93 10.66
N GLY A 42 -5.62 -1.69 10.98
CA GLY A 42 -5.13 -1.90 12.34
C GLY A 42 -4.52 -3.26 12.54
N VAL A 43 -4.87 -4.20 11.68
CA VAL A 43 -4.37 -5.57 11.77
C VAL A 43 -3.22 -5.77 10.78
N GLU A 44 -2.14 -6.36 11.24
CA GLU A 44 -1.02 -6.62 10.37
C GLU A 44 -1.32 -7.86 9.54
N LEU A 45 -1.21 -7.71 8.22
CA LEU A 45 -1.66 -8.75 7.31
C LEU A 45 -0.80 -10.00 7.38
N THR A 46 -1.34 -11.10 6.88
CA THR A 46 -0.72 -12.40 7.00
C THR A 46 -0.15 -12.86 5.65
N ARG A 47 0.58 -13.97 5.67
CA ARG A 47 1.23 -14.49 4.48
C ARG A 47 0.46 -15.70 3.94
N GLU A 48 -0.70 -15.96 4.53
CA GLU A 48 -1.52 -17.11 4.16
C GLU A 48 -1.98 -17.02 2.71
N GLU A 49 -2.87 -16.08 2.40
CA GLU A 49 -3.33 -15.91 1.04
C GLU A 49 -2.73 -14.65 0.43
N THR A 50 -1.97 -14.85 -0.65
CA THR A 50 -1.42 -13.73 -1.39
C THR A 50 -2.09 -13.64 -2.76
N PHE A 51 -3.17 -14.39 -2.92
CA PHE A 51 -3.87 -14.47 -4.20
C PHE A 51 -4.85 -13.32 -4.38
N LYS A 52 -5.31 -12.77 -3.27
CA LYS A 52 -6.21 -11.62 -3.30
C LYS A 52 -5.47 -10.39 -3.77
N TYR A 53 -4.25 -10.22 -3.27
CA TYR A 53 -3.42 -9.08 -3.60
C TYR A 53 -1.96 -9.39 -3.32
N TRP A 54 -1.09 -8.90 -4.19
CA TRP A 54 0.33 -9.11 -4.02
C TRP A 54 1.11 -7.85 -4.39
N PHE A 55 2.21 -7.60 -3.69
CA PHE A 55 3.06 -6.47 -4.00
C PHE A 55 4.44 -6.95 -4.40
N LYS A 56 5.11 -6.17 -5.23
CA LYS A 56 6.44 -6.51 -5.70
C LYS A 56 7.44 -5.48 -5.19
N LYS A 57 8.58 -5.95 -4.69
CA LYS A 57 9.66 -5.05 -4.34
C LYS A 57 10.76 -5.11 -5.40
N ASP A 58 11.22 -3.95 -5.83
CA ASP A 58 12.22 -3.87 -6.88
C ASP A 58 13.17 -2.73 -6.60
N GLY A 59 14.18 -3.00 -5.78
CA GLY A 59 15.11 -1.95 -5.36
C GLY A 59 14.43 -0.92 -4.50
N GLN A 60 14.05 0.19 -5.11
CA GLN A 60 13.32 1.25 -4.42
C GLN A 60 11.85 1.23 -4.82
N ARG A 61 11.54 0.40 -5.80
CA ARG A 61 10.19 0.33 -6.37
C ARG A 61 9.31 -0.61 -5.54
N HIS A 62 8.06 -0.21 -5.34
CA HIS A 62 7.07 -1.05 -4.67
C HIS A 62 5.72 -0.89 -5.35
N HIS A 63 5.21 -1.98 -5.92
CA HIS A 63 3.95 -1.93 -6.65
C HIS A 63 2.99 -2.97 -6.09
N LEU A 64 1.82 -2.53 -5.65
CA LEU A 64 0.83 -3.41 -5.03
C LEU A 64 -0.34 -3.64 -5.97
N ILE A 65 -0.57 -4.90 -6.31
CA ILE A 65 -1.63 -5.25 -7.24
C ILE A 65 -2.70 -6.08 -6.54
N ILE A 66 -3.90 -5.51 -6.41
CA ILE A 66 -5.02 -6.24 -5.84
C ILE A 66 -5.91 -6.76 -6.95
N ASN A 67 -6.06 -8.08 -6.99
CA ASN A 67 -6.78 -8.74 -8.06
C ASN A 67 -8.28 -8.49 -7.99
N GLU A 68 -8.81 -8.45 -6.79
CA GLU A 68 -10.25 -8.28 -6.59
C GLU A 68 -10.54 -7.32 -5.45
N ALA A 69 -11.07 -6.14 -5.77
CA ALA A 69 -11.51 -5.20 -4.75
C ALA A 69 -12.73 -5.77 -4.02
N MET A 70 -12.59 -5.90 -2.70
CA MET A 70 -13.60 -6.54 -1.88
C MET A 70 -13.88 -5.72 -0.62
N LEU A 71 -14.86 -6.14 0.17
CA LEU A 71 -15.16 -5.47 1.43
C LEU A 71 -13.98 -5.52 2.39
N GLU A 72 -13.22 -6.62 2.32
CA GLU A 72 -11.97 -6.75 3.07
C GLU A 72 -10.95 -5.71 2.63
N ASP A 73 -11.09 -5.28 1.38
CA ASP A 73 -10.17 -4.32 0.78
C ASP A 73 -10.56 -2.89 1.17
N ALA A 74 -11.79 -2.75 1.69
CA ALA A 74 -12.29 -1.46 2.14
C ALA A 74 -11.68 -1.07 3.49
N GLY A 75 -10.74 -1.87 3.96
CA GLY A 75 -10.04 -1.55 5.19
C GLY A 75 -9.11 -0.37 5.01
N HIS A 76 -8.77 0.29 6.10
CA HIS A 76 -7.89 1.44 6.02
C HIS A 76 -6.42 0.99 5.98
N TYR A 77 -5.76 1.24 4.86
CA TYR A 77 -4.41 0.74 4.67
C TYR A 77 -3.38 1.73 5.19
N ALA A 78 -2.42 1.22 5.95
CA ALA A 78 -1.32 2.01 6.44
C ALA A 78 -0.01 1.42 5.98
N LEU A 79 0.94 2.27 5.67
CA LEU A 79 2.23 1.84 5.14
C LEU A 79 3.36 2.32 6.05
N CYS A 80 4.08 1.37 6.62
CA CYS A 80 5.18 1.69 7.52
C CYS A 80 6.52 1.61 6.80
N THR A 81 7.28 2.70 6.83
CA THR A 81 8.57 2.75 6.17
C THR A 81 9.68 2.88 7.20
N SER A 82 10.93 2.65 6.78
CA SER A 82 12.08 2.74 7.66
C SER A 82 12.16 4.10 8.36
N GLY A 83 11.78 5.16 7.66
CA GLY A 83 11.80 6.48 8.25
C GLY A 83 10.56 7.29 7.94
N GLY A 84 9.71 6.75 7.08
CA GLY A 84 8.49 7.44 6.70
C GLY A 84 7.25 6.71 7.15
N GLN A 85 6.10 7.33 6.96
CA GLN A 85 4.83 6.72 7.29
C GLN A 85 3.76 7.19 6.32
N ALA A 86 2.92 6.27 5.88
CA ALA A 86 1.84 6.59 4.96
C ALA A 86 0.53 5.97 5.43
N LEU A 87 -0.57 6.63 5.15
CA LEU A 87 -1.89 6.13 5.51
C LEU A 87 -2.88 6.52 4.42
N ALA A 88 -3.66 5.56 3.95
CA ALA A 88 -4.64 5.82 2.91
C ALA A 88 -5.97 5.18 3.25
N GLU A 89 -7.04 5.91 3.02
CA GLU A 89 -8.36 5.39 3.28
C GLU A 89 -8.98 4.91 1.98
N LEU A 90 -9.11 3.60 1.85
CA LEU A 90 -9.69 3.00 0.66
C LEU A 90 -11.10 2.54 0.96
N ILE A 91 -12.07 3.14 0.29
CA ILE A 91 -13.45 2.73 0.46
C ILE A 91 -13.91 1.95 -0.75
N VAL A 92 -14.17 0.68 -0.56
CA VAL A 92 -14.65 -0.18 -1.63
C VAL A 92 -16.15 -0.41 -1.45
N GLN A 93 -16.94 0.29 -2.25
CA GLN A 93 -18.39 0.22 -2.13
C GLN A 93 -18.94 -0.95 -2.95
N GLU A 94 -20.00 -1.56 -2.43
CA GLU A 94 -20.73 -2.57 -3.18
C GLU A 94 -21.68 -1.90 -4.16
N LYS A 95 -21.99 -2.59 -5.23
CA LYS A 95 -22.86 -2.03 -6.26
C LYS A 95 -24.27 -2.58 -6.10
N GLY A 1 26.65 16.71 7.89
CA GLY A 1 25.31 16.97 8.49
C GLY A 1 24.61 15.68 8.88
N SER A 2 23.36 15.54 8.45
CA SER A 2 22.58 14.36 8.76
C SER A 2 21.82 13.87 7.54
N HIS A 3 21.62 12.56 7.46
CA HIS A 3 20.87 11.96 6.37
C HIS A 3 19.40 12.33 6.46
N MET A 4 18.84 12.81 5.37
CA MET A 4 17.43 13.16 5.32
C MET A 4 16.58 11.90 5.35
N PRO A 5 15.35 12.01 5.87
CA PRO A 5 14.41 10.88 5.89
C PRO A 5 14.02 10.43 4.49
N VAL A 6 13.71 9.15 4.34
CA VAL A 6 13.30 8.61 3.05
C VAL A 6 11.96 9.19 2.64
N LEU A 7 11.97 9.95 1.56
CA LEU A 7 10.77 10.63 1.07
C LEU A 7 9.88 9.65 0.31
N ILE A 8 8.57 9.82 0.48
CA ILE A 8 7.58 9.00 -0.20
C ILE A 8 7.09 9.72 -1.45
N THR A 9 7.30 9.12 -2.62
CA THR A 9 6.90 9.73 -3.87
C THR A 9 5.49 9.29 -4.29
N ARG A 10 5.12 8.08 -3.94
CA ARG A 10 3.81 7.54 -4.28
C ARG A 10 2.88 7.60 -3.09
N PRO A 11 1.75 8.30 -3.22
CA PRO A 11 0.75 8.35 -2.17
C PRO A 11 -0.24 7.18 -2.26
N LEU A 12 -0.93 6.92 -1.16
CA LEU A 12 -1.95 5.88 -1.10
C LEU A 12 -3.27 6.41 -1.64
N GLU A 13 -4.24 5.51 -1.80
CA GLU A 13 -5.50 5.83 -2.44
C GLU A 13 -6.24 6.99 -1.78
N ASP A 14 -6.44 8.05 -2.55
CA ASP A 14 -7.25 9.18 -2.10
C ASP A 14 -8.68 9.03 -2.63
N GLN A 15 -8.84 8.19 -3.64
CA GLN A 15 -10.12 8.05 -4.33
C GLN A 15 -10.94 6.91 -3.72
N LEU A 16 -12.26 7.01 -3.88
CA LEU A 16 -13.17 5.97 -3.42
C LEU A 16 -13.38 4.96 -4.54
N VAL A 17 -13.33 3.67 -4.22
CA VAL A 17 -13.39 2.63 -5.23
C VAL A 17 -14.58 1.69 -5.01
N MET A 18 -14.95 0.97 -6.06
CA MET A 18 -16.06 0.02 -5.99
C MET A 18 -15.54 -1.40 -5.79
N VAL A 19 -16.35 -2.24 -5.18
CA VAL A 19 -16.02 -3.65 -4.98
C VAL A 19 -16.00 -4.42 -6.30
N GLY A 20 -15.10 -5.38 -6.41
CA GLY A 20 -15.10 -6.28 -7.56
C GLY A 20 -14.06 -5.92 -8.60
N GLN A 21 -13.66 -4.65 -8.65
CA GLN A 21 -12.70 -4.21 -9.66
C GLN A 21 -11.26 -4.46 -9.21
N ARG A 22 -10.35 -4.45 -10.17
CA ARG A 22 -8.94 -4.59 -9.87
C ARG A 22 -8.33 -3.23 -9.55
N VAL A 23 -7.85 -3.07 -8.33
CA VAL A 23 -7.25 -1.81 -7.92
C VAL A 23 -5.79 -2.03 -7.56
N GLU A 24 -4.93 -1.24 -8.17
CA GLU A 24 -3.49 -1.36 -7.93
C GLU A 24 -2.98 -0.17 -7.12
N PHE A 25 -2.37 -0.46 -5.99
CA PHE A 25 -1.80 0.58 -5.14
C PHE A 25 -0.28 0.54 -5.26
N GLU A 26 0.28 1.54 -5.91
CA GLU A 26 1.72 1.57 -6.10
C GLU A 26 2.32 2.62 -5.20
N CYS A 27 3.16 2.20 -4.27
CA CYS A 27 3.79 3.11 -3.34
C CYS A 27 5.27 2.77 -3.20
N GLU A 28 6.10 3.67 -3.69
CA GLU A 28 7.54 3.46 -3.70
C GLU A 28 8.24 4.69 -3.14
N VAL A 29 9.52 4.55 -2.85
CA VAL A 29 10.26 5.59 -2.16
C VAL A 29 11.36 6.17 -3.05
N SER A 30 11.90 7.31 -2.61
CA SER A 30 12.91 8.03 -3.39
C SER A 30 14.31 7.50 -3.13
N GLU A 31 14.47 6.67 -2.10
CA GLU A 31 15.79 6.20 -1.70
C GLU A 31 15.92 4.69 -1.90
N GLU A 32 17.08 4.27 -2.37
CA GLU A 32 17.35 2.87 -2.66
C GLU A 32 17.59 2.08 -1.36
N GLY A 33 17.17 0.82 -1.36
CA GLY A 33 17.39 -0.04 -0.23
C GLY A 33 16.36 0.13 0.86
N ALA A 34 15.52 1.15 0.72
CA ALA A 34 14.54 1.46 1.75
C ALA A 34 13.38 0.47 1.74
N GLN A 35 13.24 -0.25 2.84
CA GLN A 35 12.18 -1.23 3.01
C GLN A 35 10.90 -0.53 3.47
N VAL A 36 9.76 -1.15 3.20
CA VAL A 36 8.47 -0.58 3.56
C VAL A 36 7.63 -1.59 4.32
N LYS A 37 6.71 -1.09 5.13
CA LYS A 37 5.82 -1.93 5.92
C LYS A 37 4.37 -1.68 5.53
N TRP A 38 3.61 -2.76 5.36
CA TRP A 38 2.21 -2.65 4.98
C TRP A 38 1.32 -2.76 6.21
N LEU A 39 0.51 -1.74 6.43
CA LEU A 39 -0.41 -1.69 7.55
C LEU A 39 -1.83 -1.56 7.04
N LYS A 40 -2.70 -2.46 7.45
CA LYS A 40 -4.09 -2.45 6.98
C LYS A 40 -4.99 -1.84 8.06
N ASP A 41 -5.38 -0.60 7.84
CA ASP A 41 -6.25 0.17 8.76
C ASP A 41 -5.79 0.03 10.22
N GLY A 42 -4.48 0.02 10.44
CA GLY A 42 -3.96 -0.04 11.79
C GLY A 42 -3.69 -1.47 12.24
N VAL A 43 -4.04 -2.43 11.40
CA VAL A 43 -3.78 -3.84 11.67
C VAL A 43 -2.53 -4.29 10.91
N GLU A 44 -1.59 -4.88 11.63
CA GLU A 44 -0.35 -5.34 11.03
C GLU A 44 -0.60 -6.60 10.20
N LEU A 45 -0.21 -6.55 8.93
CA LEU A 45 -0.38 -7.68 8.04
C LEU A 45 0.66 -8.75 8.32
N THR A 46 0.28 -10.00 8.08
CA THR A 46 1.16 -11.12 8.35
C THR A 46 1.94 -11.52 7.09
N ARG A 47 2.98 -12.32 7.28
CA ARG A 47 3.83 -12.76 6.17
C ARG A 47 3.05 -13.63 5.20
N GLU A 48 2.05 -14.33 5.73
CA GLU A 48 1.25 -15.23 4.92
C GLU A 48 -0.16 -14.66 4.72
N GLU A 49 -0.25 -13.73 3.79
CA GLU A 49 -1.53 -13.09 3.46
C GLU A 49 -2.16 -13.79 2.26
N THR A 50 -3.47 -13.58 2.09
CA THR A 50 -4.20 -14.18 0.99
C THR A 50 -3.68 -13.66 -0.35
N PHE A 51 -3.82 -14.48 -1.39
CA PHE A 51 -3.31 -14.15 -2.71
C PHE A 51 -4.31 -13.31 -3.49
N LYS A 52 -5.27 -12.73 -2.79
CA LYS A 52 -6.26 -11.86 -3.40
C LYS A 52 -5.60 -10.54 -3.80
N TYR A 53 -4.55 -10.18 -3.07
CA TYR A 53 -3.73 -9.03 -3.41
C TYR A 53 -2.28 -9.31 -3.11
N TRP A 54 -1.42 -8.96 -4.05
CA TRP A 54 0.00 -9.29 -3.98
C TRP A 54 0.83 -8.11 -4.44
N PHE A 55 2.13 -8.14 -4.20
CA PHE A 55 2.96 -6.98 -4.52
C PHE A 55 4.24 -7.38 -5.25
N LYS A 56 4.79 -6.41 -5.96
CA LYS A 56 6.07 -6.54 -6.64
C LYS A 56 7.03 -5.51 -6.07
N LYS A 57 8.32 -5.81 -6.08
CA LYS A 57 9.30 -4.86 -5.56
C LYS A 57 10.53 -4.81 -6.47
N ASP A 58 10.90 -3.60 -6.83
CA ASP A 58 12.13 -3.35 -7.58
C ASP A 58 13.03 -2.46 -6.76
N GLY A 59 13.71 -3.04 -5.78
CA GLY A 59 14.53 -2.27 -4.87
C GLY A 59 13.72 -1.24 -4.09
N GLN A 60 13.85 0.01 -4.49
CA GLN A 60 13.13 1.10 -3.83
C GLN A 60 11.70 1.18 -4.32
N ARG A 61 11.43 0.52 -5.45
CA ARG A 61 10.10 0.52 -6.03
C ARG A 61 9.24 -0.56 -5.40
N HIS A 62 8.03 -0.21 -5.00
CA HIS A 62 7.12 -1.17 -4.39
C HIS A 62 5.73 -0.99 -4.98
N HIS A 63 5.22 -2.01 -5.65
CA HIS A 63 3.94 -1.90 -6.34
C HIS A 63 2.99 -3.02 -5.89
N LEU A 64 1.83 -2.64 -5.37
CA LEU A 64 0.85 -3.60 -4.87
C LEU A 64 -0.29 -3.73 -5.86
N ILE A 65 -0.68 -4.97 -6.15
CA ILE A 65 -1.76 -5.24 -7.08
C ILE A 65 -2.86 -6.04 -6.39
N ILE A 66 -4.04 -5.46 -6.28
CA ILE A 66 -5.18 -6.17 -5.72
C ILE A 66 -6.03 -6.73 -6.86
N ASN A 67 -6.19 -8.04 -6.89
CA ASN A 67 -6.94 -8.69 -7.96
C ASN A 67 -8.42 -8.35 -7.85
N GLU A 68 -8.93 -8.35 -6.63
CA GLU A 68 -10.34 -8.08 -6.39
C GLU A 68 -10.49 -7.15 -5.19
N ALA A 69 -10.87 -5.90 -5.44
CA ALA A 69 -11.16 -4.99 -4.35
C ALA A 69 -12.39 -5.47 -3.59
N MET A 70 -12.24 -5.71 -2.30
CA MET A 70 -13.31 -6.32 -1.51
C MET A 70 -13.65 -5.45 -0.31
N LEU A 71 -14.87 -5.62 0.20
CA LEU A 71 -15.36 -4.85 1.34
C LEU A 71 -14.49 -5.08 2.58
N GLU A 72 -14.04 -6.32 2.77
CA GLU A 72 -13.17 -6.64 3.91
C GLU A 72 -11.79 -6.03 3.72
N ASP A 73 -11.45 -5.75 2.47
CA ASP A 73 -10.13 -5.22 2.12
C ASP A 73 -10.12 -3.70 2.22
N ALA A 74 -11.32 -3.12 2.31
CA ALA A 74 -11.51 -1.66 2.30
C ALA A 74 -10.85 -0.94 3.49
N GLY A 75 -10.09 -1.67 4.29
CA GLY A 75 -9.34 -1.04 5.36
C GLY A 75 -8.37 -0.01 4.83
N HIS A 76 -8.30 1.13 5.50
CA HIS A 76 -7.47 2.25 5.03
C HIS A 76 -6.00 1.84 4.97
N TYR A 77 -5.37 2.03 3.82
CA TYR A 77 -4.01 1.56 3.64
C TYR A 77 -2.98 2.56 4.16
N ALA A 78 -2.05 2.04 4.94
CA ALA A 78 -0.96 2.83 5.47
C ALA A 78 0.36 2.12 5.21
N LEU A 79 1.35 2.87 4.77
CA LEU A 79 2.65 2.31 4.47
C LEU A 79 3.71 3.01 5.31
N CYS A 80 4.45 2.23 6.08
CA CYS A 80 5.47 2.78 6.96
C CYS A 80 6.86 2.56 6.38
N THR A 81 7.61 3.63 6.22
CA THR A 81 8.97 3.54 5.76
C THR A 81 9.92 4.08 6.84
N SER A 82 11.20 3.82 6.69
CA SER A 82 12.20 4.31 7.64
C SER A 82 12.30 5.84 7.57
N GLY A 83 11.68 6.43 6.56
CA GLY A 83 11.65 7.88 6.44
C GLY A 83 10.35 8.46 6.95
N GLY A 84 9.35 8.48 6.10
CA GLY A 84 8.06 9.00 6.49
C GLY A 84 6.98 7.92 6.52
N GLN A 85 5.85 8.24 7.12
CA GLN A 85 4.72 7.33 7.16
C GLN A 85 3.59 7.85 6.27
N ALA A 86 3.19 7.03 5.32
CA ALA A 86 2.12 7.42 4.41
C ALA A 86 0.82 6.73 4.80
N LEU A 87 -0.27 7.48 4.81
CA LEU A 87 -1.56 6.92 5.20
C LEU A 87 -2.67 7.59 4.40
N ALA A 88 -3.63 6.79 3.92
CA ALA A 88 -4.76 7.29 3.16
C ALA A 88 -6.01 6.49 3.52
N GLU A 89 -7.17 7.09 3.33
CA GLU A 89 -8.41 6.43 3.69
C GLU A 89 -9.04 5.76 2.48
N LEU A 90 -9.06 4.44 2.50
CA LEU A 90 -9.69 3.67 1.45
C LEU A 90 -11.11 3.33 1.83
N ILE A 91 -12.02 3.47 0.87
CA ILE A 91 -13.40 3.10 1.04
C ILE A 91 -13.85 2.30 -0.17
N VAL A 92 -14.54 1.19 0.07
CA VAL A 92 -15.02 0.34 -1.01
C VAL A 92 -16.52 0.17 -0.91
N GLN A 93 -17.23 0.66 -1.93
CA GLN A 93 -18.68 0.56 -1.94
C GLN A 93 -19.13 -0.67 -2.71
N GLU A 94 -20.16 -1.32 -2.20
CA GLU A 94 -20.76 -2.45 -2.87
C GLU A 94 -21.60 -1.96 -4.05
N LYS A 95 -21.55 -2.69 -5.14
CA LYS A 95 -22.34 -2.35 -6.31
C LYS A 95 -23.74 -2.93 -6.18
N GLY A 1 23.95 17.15 10.92
CA GLY A 1 22.62 17.15 11.58
C GLY A 1 21.54 16.61 10.67
N SER A 2 21.54 17.05 9.42
CA SER A 2 20.51 16.63 8.47
C SER A 2 20.71 15.19 8.03
N HIS A 3 19.65 14.41 8.11
CA HIS A 3 19.64 13.06 7.58
C HIS A 3 18.75 13.03 6.34
N MET A 4 18.65 11.86 5.70
CA MET A 4 17.82 11.74 4.52
C MET A 4 16.65 10.81 4.78
N PRO A 5 15.47 11.38 5.07
CA PRO A 5 14.27 10.59 5.30
C PRO A 5 13.74 9.98 4.01
N VAL A 6 13.37 8.72 4.07
CA VAL A 6 12.81 8.04 2.91
C VAL A 6 11.38 8.51 2.68
N LEU A 7 11.17 9.25 1.60
CA LEU A 7 9.89 9.86 1.31
C LEU A 7 9.09 9.01 0.34
N ILE A 8 7.80 9.28 0.26
CA ILE A 8 6.91 8.53 -0.62
C ILE A 8 6.71 9.26 -1.93
N THR A 9 7.18 8.67 -3.02
CA THR A 9 7.04 9.27 -4.34
C THR A 9 5.69 8.93 -4.96
N ARG A 10 5.21 7.72 -4.70
CA ARG A 10 3.94 7.27 -5.23
C ARG A 10 2.90 7.19 -4.12
N PRO A 11 1.93 8.12 -4.11
CA PRO A 11 0.84 8.09 -3.15
C PRO A 11 -0.13 6.94 -3.41
N LEU A 12 -0.84 6.51 -2.38
CA LEU A 12 -1.79 5.42 -2.53
C LEU A 12 -3.10 5.94 -3.10
N GLU A 13 -3.92 5.04 -3.62
CA GLU A 13 -5.13 5.43 -4.32
C GLU A 13 -6.16 6.02 -3.36
N ASP A 14 -6.54 7.25 -3.63
CA ASP A 14 -7.46 8.01 -2.78
C ASP A 14 -8.91 7.84 -3.23
N GLN A 15 -9.11 7.27 -4.41
CA GLN A 15 -10.44 7.26 -5.00
C GLN A 15 -11.23 6.04 -4.53
N LEU A 16 -12.55 6.16 -4.59
CA LEU A 16 -13.44 5.18 -4.03
C LEU A 16 -13.74 4.11 -5.07
N VAL A 17 -13.72 2.85 -4.64
CA VAL A 17 -13.85 1.73 -5.55
C VAL A 17 -15.05 0.85 -5.22
N MET A 18 -15.33 -0.10 -6.09
CA MET A 18 -16.44 -1.03 -5.89
C MET A 18 -15.90 -2.45 -5.76
N VAL A 19 -16.74 -3.34 -5.24
CA VAL A 19 -16.35 -4.73 -5.07
C VAL A 19 -16.11 -5.41 -6.42
N GLY A 20 -14.98 -6.09 -6.55
CA GLY A 20 -14.74 -6.92 -7.71
C GLY A 20 -13.82 -6.30 -8.75
N GLN A 21 -13.57 -5.00 -8.66
CA GLN A 21 -12.70 -4.35 -9.63
C GLN A 21 -11.24 -4.53 -9.24
N ARG A 22 -10.38 -4.59 -10.24
CA ARG A 22 -8.95 -4.76 -10.03
C ARG A 22 -8.32 -3.48 -9.49
N VAL A 23 -7.81 -3.56 -8.27
CA VAL A 23 -7.17 -2.42 -7.63
C VAL A 23 -5.73 -2.76 -7.30
N GLU A 24 -4.81 -1.96 -7.79
CA GLU A 24 -3.40 -2.19 -7.54
C GLU A 24 -2.72 -0.88 -7.15
N PHE A 25 -1.81 -0.97 -6.20
CA PHE A 25 -1.15 0.20 -5.67
C PHE A 25 0.28 0.30 -6.17
N GLU A 26 0.59 1.44 -6.77
CA GLU A 26 1.93 1.71 -7.24
C GLU A 26 2.63 2.56 -6.19
N CYS A 27 3.70 2.05 -5.61
CA CYS A 27 4.37 2.75 -4.53
C CYS A 27 5.88 2.65 -4.63
N GLU A 28 6.54 3.78 -4.77
CA GLU A 28 7.99 3.83 -4.78
C GLU A 28 8.46 4.91 -3.83
N VAL A 29 9.62 4.70 -3.23
CA VAL A 29 10.17 5.64 -2.27
C VAL A 29 11.39 6.33 -2.83
N SER A 30 11.79 7.42 -2.19
CA SER A 30 12.89 8.26 -2.67
C SER A 30 14.24 7.53 -2.63
N GLU A 31 14.36 6.56 -1.75
CA GLU A 31 15.64 5.89 -1.54
C GLU A 31 15.62 4.49 -2.14
N GLU A 32 16.67 4.15 -2.88
CA GLU A 32 16.77 2.85 -3.53
C GLU A 32 17.06 1.76 -2.50
N GLY A 33 16.54 0.56 -2.77
CA GLY A 33 16.74 -0.57 -1.88
C GLY A 33 16.17 -0.33 -0.50
N ALA A 34 15.07 0.38 -0.42
CA ALA A 34 14.44 0.69 0.85
C ALA A 34 13.34 -0.30 1.19
N GLN A 35 13.08 -0.46 2.48
CA GLN A 35 12.07 -1.38 2.94
C GLN A 35 10.79 -0.64 3.30
N VAL A 36 9.66 -1.17 2.83
CA VAL A 36 8.36 -0.62 3.17
C VAL A 36 7.50 -1.71 3.79
N LYS A 37 6.67 -1.34 4.75
CA LYS A 37 5.80 -2.30 5.40
C LYS A 37 4.36 -1.82 5.37
N TRP A 38 3.43 -2.76 5.15
CA TRP A 38 2.03 -2.42 5.00
C TRP A 38 1.27 -2.63 6.30
N LEU A 39 0.40 -1.68 6.62
CA LEU A 39 -0.48 -1.81 7.77
C LEU A 39 -1.88 -1.39 7.33
N LYS A 40 -2.83 -2.30 7.43
CA LYS A 40 -4.17 -2.01 6.97
C LYS A 40 -5.13 -1.89 8.15
N ASP A 41 -5.52 -0.65 8.43
CA ASP A 41 -6.54 -0.34 9.44
C ASP A 41 -6.28 -1.07 10.77
N GLY A 42 -5.02 -1.17 11.15
CA GLY A 42 -4.66 -1.81 12.41
C GLY A 42 -4.21 -3.25 12.23
N VAL A 43 -4.50 -3.83 11.07
CA VAL A 43 -4.12 -5.20 10.77
C VAL A 43 -2.93 -5.24 9.82
N GLU A 44 -1.85 -5.87 10.25
CA GLU A 44 -0.65 -5.97 9.42
C GLU A 44 -0.82 -7.09 8.41
N LEU A 45 -0.47 -6.81 7.16
CA LEU A 45 -0.66 -7.75 6.07
C LEU A 45 0.36 -8.88 6.13
N THR A 46 -0.02 -10.04 5.60
CA THR A 46 0.83 -11.22 5.68
C THR A 46 1.74 -11.32 4.45
N ARG A 47 2.98 -11.76 4.67
CA ARG A 47 3.94 -11.91 3.58
C ARG A 47 3.74 -13.25 2.87
N GLU A 48 2.85 -14.06 3.43
CA GLU A 48 2.51 -15.36 2.86
C GLU A 48 1.00 -15.50 2.77
N GLU A 49 0.34 -14.39 2.49
CA GLU A 49 -1.11 -14.33 2.44
C GLU A 49 -1.64 -15.04 1.20
N THR A 50 -2.96 -15.22 1.15
CA THR A 50 -3.62 -15.82 0.00
C THR A 50 -3.55 -14.86 -1.22
N PHE A 51 -4.18 -15.26 -2.31
CA PHE A 51 -4.10 -14.52 -3.56
C PHE A 51 -5.03 -13.29 -3.57
N LYS A 52 -5.48 -12.88 -2.38
CA LYS A 52 -6.31 -11.69 -2.26
C LYS A 52 -5.50 -10.48 -2.74
N TYR A 53 -4.27 -10.41 -2.29
CA TYR A 53 -3.35 -9.38 -2.69
C TYR A 53 -1.95 -9.96 -2.81
N TRP A 54 -1.19 -9.48 -3.79
CA TRP A 54 0.19 -9.91 -3.94
C TRP A 54 1.08 -8.72 -4.23
N PHE A 55 2.30 -8.75 -3.74
CA PHE A 55 3.18 -7.61 -3.87
C PHE A 55 4.40 -7.95 -4.72
N LYS A 56 4.78 -6.98 -5.54
CA LYS A 56 5.96 -7.09 -6.38
C LYS A 56 6.97 -6.03 -5.96
N LYS A 57 8.10 -6.47 -5.44
CA LYS A 57 9.10 -5.56 -4.94
C LYS A 57 10.37 -5.55 -5.78
N ASP A 58 10.91 -4.37 -6.01
CA ASP A 58 12.23 -4.24 -6.62
C ASP A 58 12.91 -2.97 -6.11
N GLY A 59 13.57 -3.10 -4.97
CA GLY A 59 14.27 -1.98 -4.38
C GLY A 59 13.32 -0.91 -3.85
N GLN A 60 13.41 0.28 -4.43
CA GLN A 60 12.61 1.43 -4.01
C GLN A 60 11.17 1.31 -4.51
N ARG A 61 10.98 0.59 -5.61
CA ARG A 61 9.68 0.50 -6.23
C ARG A 61 8.96 -0.79 -5.85
N HIS A 62 7.73 -0.65 -5.36
CA HIS A 62 6.92 -1.77 -4.93
C HIS A 62 5.54 -1.69 -5.57
N HIS A 63 4.88 -2.83 -5.69
CA HIS A 63 3.54 -2.89 -6.29
C HIS A 63 2.66 -3.83 -5.48
N LEU A 64 1.51 -3.34 -5.04
CA LEU A 64 0.56 -4.18 -4.33
C LEU A 64 -0.69 -4.38 -5.18
N ILE A 65 -0.85 -5.56 -5.74
CA ILE A 65 -1.96 -5.83 -6.63
C ILE A 65 -3.04 -6.64 -5.94
N ILE A 66 -4.23 -6.06 -5.84
CA ILE A 66 -5.39 -6.76 -5.30
C ILE A 66 -6.29 -7.19 -6.46
N ASN A 67 -6.53 -8.48 -6.56
CA ASN A 67 -7.27 -9.04 -7.69
C ASN A 67 -8.70 -8.52 -7.73
N GLU A 68 -9.40 -8.64 -6.60
CA GLU A 68 -10.75 -8.10 -6.48
C GLU A 68 -10.88 -7.33 -5.18
N ALA A 69 -11.10 -6.02 -5.29
CA ALA A 69 -11.38 -5.20 -4.11
C ALA A 69 -12.67 -5.67 -3.45
N MET A 70 -12.61 -5.94 -2.17
CA MET A 70 -13.74 -6.50 -1.45
C MET A 70 -13.99 -5.73 -0.17
N LEU A 71 -15.08 -6.05 0.53
CA LEU A 71 -15.52 -5.28 1.70
C LEU A 71 -14.43 -5.12 2.76
N GLU A 72 -13.60 -6.15 2.93
CA GLU A 72 -12.54 -6.12 3.93
C GLU A 72 -11.58 -4.97 3.68
N ASP A 73 -11.35 -4.67 2.41
CA ASP A 73 -10.30 -3.74 1.99
C ASP A 73 -10.67 -2.29 2.29
N ALA A 74 -11.94 -2.04 2.59
CA ALA A 74 -12.46 -0.69 2.81
C ALA A 74 -11.83 0.04 4.01
N GLY A 75 -10.81 -0.55 4.62
CA GLY A 75 -10.16 0.05 5.76
C GLY A 75 -9.06 1.02 5.36
N HIS A 76 -8.56 1.79 6.32
CA HIS A 76 -7.52 2.78 6.04
C HIS A 76 -6.16 2.09 5.82
N TYR A 77 -5.59 2.29 4.64
CA TYR A 77 -4.28 1.72 4.31
C TYR A 77 -3.16 2.64 4.77
N ALA A 78 -2.15 2.06 5.39
CA ALA A 78 -0.98 2.81 5.79
C ALA A 78 0.29 2.09 5.33
N LEU A 79 1.21 2.85 4.76
CA LEU A 79 2.48 2.32 4.31
C LEU A 79 3.60 3.00 5.08
N CYS A 80 4.27 2.25 5.94
CA CYS A 80 5.33 2.81 6.77
C CYS A 80 6.69 2.52 6.18
N THR A 81 7.49 3.58 6.03
CA THR A 81 8.85 3.45 5.53
C THR A 81 9.84 3.92 6.61
N SER A 82 11.14 3.77 6.35
CA SER A 82 12.18 4.22 7.26
C SER A 82 12.08 5.73 7.56
N GLY A 83 11.47 6.47 6.65
CA GLY A 83 11.33 7.90 6.83
C GLY A 83 9.89 8.31 7.04
N GLY A 84 9.20 8.59 5.94
CA GLY A 84 7.82 9.01 6.02
C GLY A 84 6.86 7.84 5.87
N GLN A 85 5.58 8.14 5.77
CA GLN A 85 4.56 7.12 5.61
C GLN A 85 3.44 7.62 4.72
N ALA A 86 2.84 6.70 3.97
CA ALA A 86 1.72 7.04 3.10
C ALA A 86 0.42 6.52 3.69
N LEU A 87 -0.49 7.41 3.98
CA LEU A 87 -1.79 7.03 4.54
C LEU A 87 -2.89 7.38 3.54
N ALA A 88 -3.67 6.39 3.19
CA ALA A 88 -4.79 6.58 2.28
C ALA A 88 -5.92 5.62 2.62
N GLU A 89 -7.14 6.03 2.38
CA GLU A 89 -8.29 5.22 2.73
C GLU A 89 -9.06 4.79 1.49
N LEU A 90 -9.04 3.50 1.21
CA LEU A 90 -9.71 2.96 0.06
C LEU A 90 -11.07 2.42 0.47
N ILE A 91 -12.13 3.07 0.03
CA ILE A 91 -13.47 2.66 0.39
C ILE A 91 -14.08 1.80 -0.72
N VAL A 92 -14.59 0.64 -0.33
CA VAL A 92 -15.15 -0.31 -1.30
C VAL A 92 -16.66 -0.41 -1.14
N GLN A 93 -17.39 -0.02 -2.18
CA GLN A 93 -18.85 -0.09 -2.15
C GLN A 93 -19.36 -1.32 -2.90
N GLU A 94 -20.54 -1.76 -2.53
CA GLU A 94 -21.16 -2.93 -3.14
C GLU A 94 -21.81 -2.55 -4.47
N LYS A 95 -21.85 -3.50 -5.39
CA LYS A 95 -22.43 -3.27 -6.71
C LYS A 95 -23.89 -3.70 -6.71
#